data_5GNH
#
_entry.id   5GNH
#
_cell.length_a   158.344
_cell.length_b   82.820
_cell.length_c   99.972
_cell.angle_alpha   90.00
_cell.angle_beta   117.59
_cell.angle_gamma   90.00
#
_symmetry.space_group_name_H-M   'C 1 2 1'
#
loop_
_entity.id
_entity.type
_entity.pdbx_description
1 polymer 'Myotubularin-related protein 2'
2 non-polymer 'PHOSPHATE ION'
3 water water
#
_entity_poly.entity_id   1
_entity_poly.type   'polypeptide(L)'
_entity_poly.pdbx_seq_one_letter_code
;MEEPPLLPGENIKDMAKDVTYICPFTGAVRGTLTVTNYRLYFKSMERDPPFVLDASLGVINRVEKIGGASSRGENSYGLE
TVCKDIRNLRFAHKPEGRTRRSIFENLMKYAFPVSNNLPLFAFEYKEVFPENGWKLYDPLLEYRRQGIPNESWRITKINE
RYELCDTYPALLVVPANIPDEELKRVASFRSRGRIPVLSWIHPESQATITRCSQPMVGVSGKRSKEDEKYLQAIMDSNAQ
SHKIFIFDARPSVNAVANKAKGGGYESEDAYQNAELVFLDIHNIHVMRESLRKLKEIVYPNIEETHWLSNLESTHWLEHI
KLILAGALRIADKVESGKTSVVVHSSDGWDRTAQLTSLAMLMLDGYYRTIRGFEVLVEKEWLSFGHRFQLRVGHGDKNHA
DADRSPVFLQFIDCVWQMTRQFPTAFEFNEYFLITILDHLYSCLFGTFLCNSEQQRGKENLPKRTVSLWSYINSQLEDFT
NPLYGSYSNHVLYPVASMRHLELWVGYYIRWNPRMKPQEPIHNRYKELLAKRAELQKKVEELQREISNRSTSSSERASSP
AQCVTPVQTVV
;
_entity_poly.pdbx_strand_id   A,B
#
loop_
_chem_comp.id
_chem_comp.type
_chem_comp.name
_chem_comp.formula
PO4 non-polymer 'PHOSPHATE ION' 'O4 P -3'
#
# COMPACT_ATOMS: atom_id res chain seq x y z
N GLU A 3 -15.90 -35.95 11.00
CA GLU A 3 -14.60 -36.71 10.89
C GLU A 3 -13.72 -36.23 9.74
N PRO A 4 -12.38 -36.34 9.89
CA PRO A 4 -11.43 -35.85 8.89
C PRO A 4 -11.26 -36.82 7.70
N PRO A 5 -11.17 -36.29 6.47
CA PRO A 5 -10.89 -37.19 5.31
C PRO A 5 -9.40 -37.60 5.31
N LEU A 6 -9.12 -38.85 5.70
CA LEU A 6 -7.78 -39.21 6.14
C LEU A 6 -6.77 -39.47 5.02
N LEU A 7 -5.51 -39.18 5.29
CA LEU A 7 -4.44 -39.45 4.34
C LEU A 7 -3.98 -40.89 4.47
N PRO A 8 -3.34 -41.44 3.42
CA PRO A 8 -2.71 -42.75 3.58
C PRO A 8 -1.64 -42.70 4.66
N GLY A 9 -1.77 -43.55 5.68
CA GLY A 9 -0.85 -43.61 6.80
C GLY A 9 -1.34 -42.89 8.05
N GLU A 10 -2.41 -42.08 7.90
CA GLU A 10 -2.93 -41.24 8.97
C GLU A 10 -4.13 -41.93 9.61
N ASN A 11 -4.17 -41.97 10.94
CA ASN A 11 -5.31 -42.57 11.66
C ASN A 11 -5.65 -41.80 12.93
N ILE A 12 -6.91 -41.93 13.36
CA ILE A 12 -7.48 -41.10 14.44
C ILE A 12 -7.00 -41.55 15.80
N LYS A 13 -6.25 -40.73 16.50
CA LYS A 13 -5.83 -41.04 17.87
C LYS A 13 -6.84 -40.58 18.92
N ASP A 14 -7.73 -39.65 18.58
CA ASP A 14 -8.75 -39.19 19.53
C ASP A 14 -9.89 -38.42 18.87
N MET A 15 -11.01 -38.37 19.58
CA MET A 15 -12.19 -37.64 19.12
C MET A 15 -12.96 -37.06 20.31
N ALA A 16 -13.76 -36.03 20.06
CA ALA A 16 -14.54 -35.37 21.13
C ALA A 16 -15.76 -34.62 20.57
N LYS A 17 -16.93 -34.90 21.12
CA LYS A 17 -18.18 -34.29 20.69
C LYS A 17 -18.50 -33.07 21.52
N ASP A 18 -19.37 -32.22 20.99
CA ASP A 18 -19.86 -31.01 21.69
C ASP A 18 -18.71 -30.15 22.23
N VAL A 19 -17.72 -29.92 21.36
CA VAL A 19 -16.60 -29.03 21.66
C VAL A 19 -16.93 -27.71 20.98
N THR A 20 -16.63 -26.62 21.69
CA THR A 20 -16.89 -25.27 21.22
C THR A 20 -15.58 -24.62 20.82
N TYR A 21 -15.47 -24.18 19.58
CA TYR A 21 -14.37 -23.31 19.14
C TYR A 21 -14.89 -21.89 19.18
N ILE A 22 -14.11 -20.97 19.77
CA ILE A 22 -14.52 -19.57 19.87
C ILE A 22 -13.78 -18.77 18.81
N CYS A 23 -14.47 -18.53 17.70
CA CYS A 23 -13.92 -17.77 16.60
C CYS A 23 -13.96 -16.31 16.95
N PRO A 24 -12.82 -15.62 16.83
CA PRO A 24 -12.84 -14.20 17.21
C PRO A 24 -13.47 -13.27 16.15
N PHE A 25 -13.83 -13.82 14.98
CA PHE A 25 -14.52 -13.10 13.90
C PHE A 25 -16.03 -13.44 13.82
N THR A 26 -16.36 -14.73 13.83
CA THR A 26 -17.75 -15.21 13.74
C THR A 26 -18.39 -15.63 15.09
N GLY A 27 -17.61 -15.69 16.17
CA GLY A 27 -18.12 -16.05 17.51
C GLY A 27 -18.16 -17.54 17.81
N ALA A 28 -18.84 -17.89 18.90
CA ALA A 28 -18.91 -19.27 19.39
C ALA A 28 -19.68 -20.20 18.44
N VAL A 29 -19.14 -21.41 18.27
CA VAL A 29 -19.69 -22.42 17.35
C VAL A 29 -19.25 -23.78 17.86
N ARG A 30 -20.18 -24.75 17.80
CA ARG A 30 -20.01 -26.05 18.47
C ARG A 30 -19.96 -27.20 17.48
N GLY A 31 -19.30 -28.30 17.88
CA GLY A 31 -19.08 -29.42 16.96
C GLY A 31 -18.04 -30.40 17.45
N THR A 32 -17.42 -31.12 16.50
CA THR A 32 -16.56 -32.30 16.79
C THR A 32 -15.03 -32.05 16.58
N LEU A 33 -14.23 -32.25 17.64
CA LEU A 33 -12.77 -32.10 17.59
C LEU A 33 -11.96 -33.42 17.50
N THR A 34 -11.49 -33.75 16.30
CA THR A 34 -10.63 -34.91 16.06
C THR A 34 -9.10 -34.57 16.16
N VAL A 35 -8.31 -35.47 16.75
CA VAL A 35 -6.84 -35.46 16.68
C VAL A 35 -6.39 -36.70 15.90
N THR A 36 -5.60 -36.53 14.83
CA THR A 36 -4.91 -37.67 14.19
C THR A 36 -3.42 -37.61 14.55
N ASN A 37 -2.63 -38.48 13.95
CA ASN A 37 -1.14 -38.42 14.03
C ASN A 37 -0.52 -37.38 13.05
N TYR A 38 -1.35 -36.74 12.21
CA TYR A 38 -0.94 -35.65 11.34
C TYR A 38 -1.57 -34.30 11.72
N ARG A 39 -2.85 -34.27 12.09
CA ARG A 39 -3.61 -33.01 12.16
C ARG A 39 -4.61 -32.87 13.31
N LEU A 40 -5.08 -31.64 13.46
CA LEU A 40 -6.21 -31.28 14.29
C LEU A 40 -7.37 -30.85 13.36
N TYR A 41 -8.49 -31.56 13.45
CA TYR A 41 -9.71 -31.27 12.67
C TYR A 41 -10.85 -30.90 13.59
N PHE A 42 -11.50 -29.80 13.29
CA PHE A 42 -12.75 -29.41 13.95
C PHE A 42 -13.79 -29.17 12.87
N LYS A 43 -14.97 -29.77 13.07
CA LYS A 43 -16.07 -29.66 12.11
C LYS A 43 -17.41 -29.48 12.83
N SER A 44 -18.28 -28.65 12.25
CA SER A 44 -19.56 -28.30 12.84
C SER A 44 -20.64 -28.34 11.78
N MET A 45 -21.63 -29.21 11.99
CA MET A 45 -22.85 -29.24 11.17
C MET A 45 -23.91 -28.24 11.67
N GLU A 46 -23.61 -27.50 12.75
CA GLU A 46 -24.40 -26.35 13.16
C GLU A 46 -24.08 -25.09 12.35
N ARG A 47 -23.80 -25.24 11.05
CA ARG A 47 -23.76 -24.08 10.16
C ARG A 47 -23.92 -24.53 8.73
N ASP A 48 -24.18 -23.56 7.87
CA ASP A 48 -24.08 -23.75 6.43
C ASP A 48 -23.39 -22.52 5.84
N PRO A 49 -22.32 -22.69 5.06
CA PRO A 49 -21.66 -23.99 4.86
C PRO A 49 -20.96 -24.44 6.15
N PRO A 50 -20.89 -25.77 6.41
CA PRO A 50 -20.26 -26.29 7.64
C PRO A 50 -18.92 -25.62 8.02
N PHE A 51 -18.79 -25.26 9.30
CA PHE A 51 -17.59 -24.62 9.80
C PHE A 51 -16.48 -25.65 10.00
N VAL A 52 -15.38 -25.48 9.26
CA VAL A 52 -14.25 -26.44 9.23
C VAL A 52 -12.91 -25.80 9.65
N LEU A 53 -12.19 -26.50 10.51
CA LEU A 53 -10.88 -26.09 10.99
C LEU A 53 -9.87 -27.24 10.76
N ASP A 54 -9.12 -27.14 9.66
CA ASP A 54 -8.20 -28.22 9.22
C ASP A 54 -6.73 -27.76 9.37
N ALA A 55 -6.10 -28.12 10.48
CA ALA A 55 -4.74 -27.66 10.81
C ALA A 55 -3.80 -28.81 11.15
N SER A 56 -2.69 -28.95 10.41
CA SER A 56 -1.66 -29.95 10.78
C SER A 56 -1.11 -29.71 12.19
N LEU A 57 -0.71 -30.76 12.88
CA LEU A 57 -0.14 -30.62 14.23
C LEU A 57 1.19 -29.85 14.21
N GLY A 58 1.96 -30.02 13.13
CA GLY A 58 3.22 -29.31 12.95
C GLY A 58 3.17 -27.81 13.11
N VAL A 59 2.04 -27.15 12.78
CA VAL A 59 1.87 -25.70 13.03
C VAL A 59 1.64 -25.32 14.50
N ILE A 60 1.44 -26.29 15.39
CA ILE A 60 1.22 -25.99 16.83
C ILE A 60 2.54 -25.69 17.56
N ASN A 61 2.59 -24.52 18.22
CA ASN A 61 3.76 -24.05 18.95
C ASN A 61 3.63 -24.33 20.46
N ARG A 62 2.44 -24.16 21.00
CA ARG A 62 2.16 -24.38 22.43
C ARG A 62 0.72 -24.82 22.58
N VAL A 63 0.49 -25.69 23.56
CA VAL A 63 -0.86 -26.07 23.97
C VAL A 63 -1.02 -25.58 25.42
N GLU A 64 -1.91 -24.62 25.65
CA GLU A 64 -2.17 -24.10 27.01
C GLU A 64 -3.55 -24.47 27.55
N LYS A 65 -3.57 -24.91 28.81
CA LYS A 65 -4.82 -25.07 29.56
C LYS A 65 -5.43 -23.69 29.88
N ILE A 66 -6.76 -23.65 29.92
CA ILE A 66 -7.50 -22.43 30.26
C ILE A 66 -8.39 -22.69 31.48
N GLY A 73 -18.08 -16.42 33.99
CA GLY A 73 -18.35 -16.11 32.59
C GLY A 73 -18.74 -17.34 31.77
N GLU A 74 -18.81 -17.16 30.45
CA GLU A 74 -19.25 -18.18 29.48
C GLU A 74 -18.09 -18.66 28.58
N ASN A 75 -17.92 -19.98 28.47
CA ASN A 75 -16.83 -20.63 27.69
C ASN A 75 -15.42 -20.23 28.18
N SER A 76 -15.04 -20.75 29.35
CA SER A 76 -13.72 -20.51 29.96
C SER A 76 -13.13 -21.74 30.64
N TYR A 77 -13.39 -22.92 30.06
CA TYR A 77 -12.74 -24.18 30.46
C TYR A 77 -12.28 -24.93 29.20
N GLY A 78 -10.98 -24.87 28.88
CA GLY A 78 -10.45 -25.56 27.69
C GLY A 78 -9.00 -25.40 27.27
N LEU A 79 -8.77 -25.45 25.96
CA LEU A 79 -7.44 -25.52 25.33
C LEU A 79 -7.21 -24.30 24.47
N GLU A 80 -6.00 -23.75 24.54
CA GLU A 80 -5.53 -22.78 23.55
C GLU A 80 -4.34 -23.41 22.82
N THR A 81 -4.28 -23.24 21.51
CA THR A 81 -3.16 -23.71 20.72
C THR A 81 -2.59 -22.54 20.00
N VAL A 82 -1.37 -22.13 20.35
CA VAL A 82 -0.67 -21.06 19.63
C VAL A 82 -0.08 -21.66 18.38
N CYS A 83 -0.50 -21.19 17.20
CA CYS A 83 0.01 -21.72 15.93
C CYS A 83 1.11 -20.88 15.33
N LYS A 84 1.93 -21.52 14.52
CA LYS A 84 3.09 -20.93 13.85
C LYS A 84 2.71 -20.14 12.59
N ASP A 85 1.47 -20.30 12.11
CA ASP A 85 0.95 -19.55 10.95
C ASP A 85 0.02 -18.39 11.38
N ILE A 86 0.46 -17.61 12.37
CA ILE A 86 -0.14 -16.33 12.67
C ILE A 86 -1.63 -16.46 13.05
N ARG A 87 -1.90 -17.36 13.99
CA ARG A 87 -3.23 -17.49 14.58
C ARG A 87 -3.15 -18.30 15.86
N ASN A 88 -4.21 -18.21 16.66
CA ASN A 88 -4.39 -19.03 17.85
C ASN A 88 -5.74 -19.63 17.71
N LEU A 89 -5.88 -20.88 18.12
CA LEU A 89 -7.18 -21.51 18.17
C LEU A 89 -7.46 -21.75 19.63
N ARG A 90 -8.68 -21.48 20.07
CA ARG A 90 -9.04 -21.80 21.44
C ARG A 90 -10.40 -22.47 21.52
N PHE A 91 -10.47 -23.49 22.36
CA PHE A 91 -11.60 -24.40 22.45
C PHE A 91 -12.20 -24.43 23.86
N ALA A 92 -13.45 -24.85 23.96
CA ALA A 92 -14.12 -25.08 25.25
C ALA A 92 -14.79 -26.46 25.27
N HIS A 93 -14.68 -27.15 26.41
CA HIS A 93 -15.26 -28.47 26.67
C HIS A 93 -16.30 -28.29 27.79
N LYS A 94 -16.41 -29.23 28.73
CA LYS A 94 -17.31 -29.08 29.90
C LYS A 94 -16.60 -29.53 31.20
N PRO A 95 -16.87 -28.89 32.37
CA PRO A 95 -16.33 -29.41 33.66
C PRO A 95 -16.79 -30.84 34.04
N GLU A 96 -18.04 -31.19 33.71
CA GLU A 96 -18.56 -32.58 33.80
C GLU A 96 -18.52 -33.35 32.46
N GLY A 97 -17.71 -32.86 31.52
CA GLY A 97 -17.39 -33.56 30.27
C GLY A 97 -16.12 -34.37 30.40
N ARG A 98 -15.07 -33.76 30.96
CA ARG A 98 -13.76 -34.42 31.25
C ARG A 98 -13.00 -34.99 30.01
N THR A 99 -13.29 -34.44 28.82
CA THR A 99 -12.54 -34.74 27.58
C THR A 99 -11.24 -33.94 27.51
N ARG A 100 -11.20 -32.79 28.19
CA ARG A 100 -10.06 -31.87 28.11
C ARG A 100 -8.73 -32.53 28.45
N ARG A 101 -8.72 -33.37 29.48
CA ARG A 101 -7.49 -34.08 29.87
C ARG A 101 -7.08 -35.16 28.82
N SER A 102 -8.06 -35.70 28.10
CA SER A 102 -7.80 -36.62 26.98
C SER A 102 -7.28 -35.88 25.74
N ILE A 103 -7.94 -34.78 25.37
CA ILE A 103 -7.57 -34.02 24.16
C ILE A 103 -6.27 -33.21 24.33
N PHE A 104 -6.09 -32.57 25.49
CA PHE A 104 -4.83 -31.90 25.85
C PHE A 104 -3.63 -32.84 25.73
N GLU A 105 -3.73 -33.98 26.40
CA GLU A 105 -2.62 -34.93 26.47
C GLU A 105 -2.35 -35.64 25.14
N ASN A 106 -3.34 -35.79 24.28
CA ASN A 106 -3.10 -36.38 22.96
C ASN A 106 -2.55 -35.38 21.95
N LEU A 107 -3.02 -34.13 22.00
CA LEU A 107 -2.35 -33.03 21.29
C LEU A 107 -0.89 -32.91 21.74
N MET A 108 -0.68 -32.67 23.03
CA MET A 108 0.67 -32.65 23.61
C MET A 108 1.53 -33.84 23.14
N LYS A 109 0.92 -35.02 23.04
CA LYS A 109 1.63 -36.21 22.58
C LYS A 109 1.92 -36.09 21.08
N TYR A 110 0.90 -35.92 20.27
CA TYR A 110 1.06 -36.00 18.81
C TYR A 110 1.53 -34.70 18.12
N ALA A 111 1.41 -33.55 18.79
CA ALA A 111 1.94 -32.28 18.28
C ALA A 111 3.44 -32.22 18.38
N PHE A 112 4.03 -33.00 19.29
CA PHE A 112 5.44 -32.86 19.65
C PHE A 112 6.20 -34.19 19.59
N PRO A 113 6.13 -34.89 18.44
CA PRO A 113 6.76 -36.19 18.33
C PRO A 113 8.27 -36.25 18.65
N VAL A 114 9.04 -35.23 18.27
CA VAL A 114 10.48 -35.23 18.57
C VAL A 114 10.74 -35.15 20.09
N SER A 115 9.94 -34.37 20.80
CA SER A 115 10.03 -34.30 22.27
C SER A 115 9.58 -35.60 23.01
N ASN A 116 8.75 -36.44 22.38
CA ASN A 116 8.16 -37.62 22.99
C ASN A 116 8.65 -38.97 22.40
N ASN A 117 9.87 -38.99 21.85
CA ASN A 117 10.37 -40.14 21.05
C ASN A 117 9.25 -40.87 20.24
N LEU A 118 8.74 -40.17 19.23
CA LEU A 118 7.75 -40.68 18.30
C LEU A 118 8.19 -40.28 16.89
N PRO A 119 7.65 -40.97 15.86
CA PRO A 119 8.03 -40.60 14.51
C PRO A 119 7.27 -39.33 14.03
N LEU A 120 7.97 -38.44 13.35
CA LEU A 120 7.30 -37.37 12.58
C LEU A 120 6.43 -38.00 11.51
N PHE A 121 5.28 -37.39 11.23
CA PHE A 121 4.31 -37.97 10.30
C PHE A 121 4.83 -38.14 8.86
N ALA A 122 5.82 -37.34 8.46
CA ALA A 122 6.58 -37.56 7.21
C ALA A 122 7.05 -39.00 6.99
N PHE A 123 7.40 -39.67 8.07
CA PHE A 123 7.85 -41.07 8.07
C PHE A 123 6.69 -42.07 7.98
N GLU A 124 5.47 -41.66 8.36
CA GLU A 124 4.29 -42.54 8.26
C GLU A 124 3.46 -42.31 6.99
N TYR A 125 3.72 -41.22 6.27
CA TYR A 125 2.93 -40.84 5.10
C TYR A 125 3.24 -41.77 3.93
N LYS A 126 2.23 -42.52 3.48
CA LYS A 126 2.43 -43.57 2.45
C LYS A 126 1.74 -43.29 1.09
N GLU A 127 1.41 -42.04 0.82
CA GLU A 127 0.94 -41.62 -0.51
C GLU A 127 2.05 -41.79 -1.55
N VAL A 128 1.68 -42.08 -2.79
CA VAL A 128 2.63 -42.17 -3.91
C VAL A 128 2.35 -41.07 -4.93
N PHE A 129 3.39 -40.57 -5.60
CA PHE A 129 3.29 -39.54 -6.63
C PHE A 129 4.05 -39.90 -7.93
N PRO A 130 3.62 -39.33 -9.08
CA PRO A 130 4.16 -39.65 -10.40
C PRO A 130 5.64 -39.32 -10.63
N GLU A 131 6.12 -38.27 -9.97
CA GLU A 131 7.50 -37.83 -10.09
C GLU A 131 8.10 -37.97 -8.73
N ASN A 132 9.41 -38.18 -8.69
CA ASN A 132 10.15 -38.18 -7.45
C ASN A 132 10.91 -36.86 -7.30
N GLY A 133 10.34 -35.97 -6.48
CA GLY A 133 10.92 -34.64 -6.16
C GLY A 133 12.32 -34.70 -5.56
N TRP A 134 12.65 -35.80 -4.89
CA TRP A 134 14.03 -36.09 -4.44
C TRP A 134 15.08 -36.26 -5.58
N LYS A 135 14.64 -36.56 -6.80
CA LYS A 135 15.55 -36.66 -7.97
C LYS A 135 15.53 -35.38 -8.85
N LEU A 136 14.94 -34.29 -8.36
CA LEU A 136 14.76 -33.07 -9.17
C LEU A 136 16.00 -32.18 -9.18
N TYR A 137 16.68 -32.07 -8.05
CA TYR A 137 17.95 -31.34 -8.01
C TYR A 137 19.11 -32.31 -8.20
N ASP A 138 19.86 -32.14 -9.29
CA ASP A 138 21.12 -32.86 -9.50
C ASP A 138 22.25 -31.79 -9.46
N PRO A 139 23.08 -31.78 -8.38
CA PRO A 139 24.18 -30.79 -8.26
C PRO A 139 25.01 -30.62 -9.52
N LEU A 140 25.28 -31.75 -10.16
CA LEU A 140 26.16 -31.80 -11.32
C LEU A 140 25.48 -31.19 -12.56
N LEU A 141 24.18 -31.47 -12.74
CA LEU A 141 23.42 -30.90 -13.89
C LEU A 141 23.16 -29.41 -13.77
N GLU A 142 22.94 -28.93 -12.54
CA GLU A 142 22.69 -27.50 -12.32
C GLU A 142 23.94 -26.69 -12.65
N TYR A 143 25.10 -27.14 -12.19
CA TYR A 143 26.36 -26.52 -12.58
C TYR A 143 26.58 -26.55 -14.09
N ARG A 144 26.22 -27.67 -14.73
CA ARG A 144 26.31 -27.79 -16.21
C ARG A 144 25.42 -26.76 -16.90
N ARG A 145 24.19 -26.59 -16.40
CA ARG A 145 23.28 -25.57 -16.93
C ARG A 145 23.94 -24.18 -16.88
N GLN A 146 24.74 -23.92 -15.86
CA GLN A 146 25.49 -22.67 -15.71
C GLN A 146 26.84 -22.62 -16.50
N GLY A 147 27.33 -23.78 -16.97
CA GLY A 147 28.58 -23.88 -17.73
C GLY A 147 29.82 -24.21 -16.90
N ILE A 148 29.62 -25.08 -15.90
CA ILE A 148 30.63 -25.44 -14.90
C ILE A 148 30.67 -26.99 -14.89
N PRO A 149 31.85 -27.64 -14.85
CA PRO A 149 33.17 -26.98 -14.78
C PRO A 149 33.56 -26.23 -16.05
N ASN A 150 34.60 -25.43 -15.91
CA ASN A 150 35.19 -24.74 -17.04
C ASN A 150 36.67 -24.49 -16.69
N GLU A 151 37.31 -23.53 -17.35
CA GLU A 151 38.74 -23.31 -17.18
C GLU A 151 39.08 -22.63 -15.85
N SER A 152 38.18 -21.77 -15.36
CA SER A 152 38.39 -21.06 -14.09
C SER A 152 37.76 -21.73 -12.86
N TRP A 153 36.85 -22.68 -13.07
CA TRP A 153 36.10 -23.30 -11.96
C TRP A 153 36.02 -24.80 -12.12
N ARG A 154 36.51 -25.52 -11.11
CA ARG A 154 36.54 -26.98 -11.12
C ARG A 154 35.68 -27.54 -9.99
N ILE A 155 35.18 -28.76 -10.18
CA ILE A 155 34.51 -29.46 -9.09
C ILE A 155 35.51 -30.26 -8.30
N THR A 156 35.63 -29.96 -7.01
CA THR A 156 36.41 -30.80 -6.09
C THR A 156 35.50 -31.87 -5.48
N LYS A 157 36.12 -32.99 -5.10
CA LYS A 157 35.47 -34.09 -4.40
C LYS A 157 35.96 -34.19 -2.96
N ILE A 158 36.74 -33.20 -2.52
CA ILE A 158 37.31 -33.19 -1.17
C ILE A 158 36.29 -33.35 -0.04
N ASN A 159 35.03 -32.96 -0.29
CA ASN A 159 34.01 -32.92 0.73
C ASN A 159 32.93 -33.98 0.54
N GLU A 160 33.20 -35.02 -0.28
CA GLU A 160 32.19 -36.04 -0.59
C GLU A 160 31.87 -36.96 0.60
N ARG A 161 32.76 -37.00 1.57
CA ARG A 161 32.51 -37.62 2.85
C ARG A 161 32.35 -36.58 4.00
N TYR A 162 32.05 -35.33 3.64
CA TYR A 162 31.81 -34.25 4.61
C TYR A 162 32.97 -33.91 5.54
N GLU A 163 34.20 -34.10 5.09
CA GLU A 163 35.39 -33.98 5.97
C GLU A 163 35.89 -32.53 6.11
N LEU A 164 35.89 -31.79 5.02
CA LEU A 164 36.24 -30.36 5.02
C LEU A 164 35.28 -29.46 5.82
N CYS A 165 33.99 -29.74 5.72
CA CYS A 165 32.92 -28.84 6.17
C CYS A 165 31.60 -29.61 6.29
N ASP A 166 31.23 -30.02 7.49
CA ASP A 166 30.13 -30.96 7.67
C ASP A 166 28.71 -30.38 7.56
N THR A 167 28.59 -29.08 7.24
CA THR A 167 27.29 -28.43 6.95
C THR A 167 27.21 -27.89 5.50
N TYR A 168 28.05 -28.44 4.61
CA TYR A 168 28.03 -28.15 3.16
C TYR A 168 27.62 -29.42 2.37
N PRO A 169 27.43 -29.30 1.03
CA PRO A 169 27.14 -30.49 0.21
C PRO A 169 28.42 -31.20 -0.18
N ALA A 170 28.26 -32.41 -0.74
CA ALA A 170 29.37 -33.27 -1.15
C ALA A 170 30.27 -32.63 -2.19
N LEU A 171 29.67 -32.19 -3.28
CA LEU A 171 30.39 -31.54 -4.35
C LEU A 171 30.47 -30.03 -4.09
N LEU A 172 31.68 -29.50 -4.10
CA LEU A 172 31.92 -28.05 -4.00
C LEU A 172 32.59 -27.59 -5.28
N VAL A 173 32.16 -26.44 -5.79
CA VAL A 173 32.83 -25.79 -6.92
C VAL A 173 33.76 -24.72 -6.35
N VAL A 174 35.02 -24.77 -6.78
CA VAL A 174 36.08 -23.87 -6.29
C VAL A 174 36.93 -23.44 -7.48
N PRO A 175 37.77 -22.39 -7.31
CA PRO A 175 38.56 -21.95 -8.47
C PRO A 175 39.61 -22.99 -8.89
N ALA A 176 39.76 -23.14 -10.20
CA ALA A 176 40.46 -24.27 -10.83
C ALA A 176 41.91 -24.39 -10.37
N ASN A 177 42.59 -23.25 -10.24
CA ASN A 177 43.98 -23.23 -9.83
C ASN A 177 44.21 -23.41 -8.31
N ILE A 178 43.17 -23.38 -7.47
CA ILE A 178 43.33 -23.72 -6.06
C ILE A 178 43.15 -25.23 -5.90
N PRO A 179 44.18 -25.93 -5.35
CA PRO A 179 44.12 -27.37 -5.17
C PRO A 179 43.61 -27.75 -3.78
N ASP A 180 43.29 -29.03 -3.60
CA ASP A 180 42.65 -29.53 -2.37
C ASP A 180 43.40 -29.31 -1.04
N GLU A 181 44.71 -29.18 -1.08
CA GLU A 181 45.46 -29.02 0.16
C GLU A 181 45.36 -27.60 0.71
N GLU A 182 45.14 -26.64 -0.18
CA GLU A 182 44.95 -25.24 0.20
C GLU A 182 43.54 -25.03 0.78
N LEU A 183 42.55 -25.78 0.27
CA LEU A 183 41.17 -25.68 0.78
C LEU A 183 41.09 -26.06 2.24
N LYS A 184 41.79 -27.12 2.64
CA LYS A 184 41.91 -27.53 4.06
C LYS A 184 42.38 -26.42 5.01
N ARG A 185 43.28 -25.56 4.53
CA ARG A 185 43.85 -24.46 5.35
C ARG A 185 42.90 -23.27 5.38
N VAL A 186 42.27 -22.99 4.25
CA VAL A 186 41.18 -21.99 4.15
C VAL A 186 39.97 -22.38 5.02
N ALA A 187 39.61 -23.66 5.06
CA ALA A 187 38.57 -24.14 5.99
C ALA A 187 38.88 -23.85 7.46
N SER A 188 40.16 -23.83 7.83
CA SER A 188 40.57 -23.49 9.21
C SER A 188 40.43 -22.01 9.59
N PHE A 189 40.40 -21.14 8.57
CA PHE A 189 40.22 -19.71 8.76
C PHE A 189 38.77 -19.27 8.60
N ARG A 190 37.93 -20.08 7.95
CA ARG A 190 36.50 -19.75 7.83
C ARG A 190 35.69 -20.53 8.85
N SER A 191 34.94 -19.79 9.68
CA SER A 191 34.07 -20.38 10.70
C SER A 191 33.31 -21.61 10.20
N ARG A 192 33.46 -22.71 10.94
CA ARG A 192 32.82 -24.00 10.64
C ARG A 192 33.26 -24.61 9.29
N GLY A 193 34.43 -24.22 8.79
CA GLY A 193 34.90 -24.66 7.49
C GLY A 193 34.09 -24.22 6.28
N ARG A 194 33.19 -23.24 6.45
CA ARG A 194 32.28 -22.84 5.39
C ARG A 194 33.02 -21.87 4.47
N ILE A 195 33.80 -22.45 3.57
CA ILE A 195 34.71 -21.72 2.67
C ILE A 195 33.93 -21.14 1.50
N PRO A 196 34.52 -20.14 0.80
CA PRO A 196 33.78 -19.54 -0.31
C PRO A 196 33.68 -20.46 -1.53
N VAL A 197 32.45 -20.80 -1.91
CA VAL A 197 32.18 -21.78 -2.99
C VAL A 197 31.14 -21.19 -3.90
N LEU A 198 31.17 -21.60 -5.15
CA LEU A 198 30.38 -20.94 -6.18
C LEU A 198 28.89 -21.19 -5.97
N SER A 199 28.10 -20.12 -5.96
CA SER A 199 26.65 -20.24 -6.02
C SER A 199 26.21 -20.14 -7.45
N TRP A 200 26.65 -19.08 -8.13
CA TRP A 200 26.14 -18.74 -9.46
C TRP A 200 27.17 -17.97 -10.27
N ILE A 201 27.12 -18.12 -11.60
CA ILE A 201 28.09 -17.49 -12.50
C ILE A 201 27.32 -16.91 -13.66
N HIS A 202 27.79 -15.77 -14.13
CA HIS A 202 27.18 -15.09 -15.26
C HIS A 202 27.60 -15.77 -16.58
N PRO A 203 26.62 -16.05 -17.48
CA PRO A 203 26.99 -16.72 -18.72
C PRO A 203 27.84 -15.83 -19.65
N GLU A 204 27.38 -14.62 -19.95
CA GLU A 204 28.12 -13.65 -20.77
C GLU A 204 29.48 -13.15 -20.20
N SER A 205 29.60 -12.97 -18.88
CA SER A 205 30.71 -12.21 -18.27
C SER A 205 31.69 -13.02 -17.42
N GLN A 206 31.30 -14.20 -16.97
CA GLN A 206 32.09 -15.01 -16.01
C GLN A 206 32.27 -14.34 -14.61
N ALA A 207 31.37 -13.41 -14.27
CA ALA A 207 31.30 -12.86 -12.93
C ALA A 207 30.52 -13.85 -12.04
N THR A 208 30.97 -13.99 -10.79
CA THR A 208 30.41 -14.98 -9.89
C THR A 208 29.83 -14.42 -8.59
N ILE A 209 28.81 -15.12 -8.07
CA ILE A 209 28.36 -14.99 -6.68
C ILE A 209 28.87 -16.24 -5.99
N THR A 210 29.78 -16.04 -5.04
CA THR A 210 30.33 -17.10 -4.19
C THR A 210 29.81 -16.82 -2.78
N ARG A 211 29.83 -17.82 -1.89
CA ARG A 211 29.35 -17.61 -0.54
C ARG A 211 30.12 -18.37 0.50
N CYS A 212 30.22 -17.79 1.71
CA CYS A 212 30.92 -18.41 2.85
C CYS A 212 30.39 -17.91 4.20
N SER A 213 30.98 -18.44 5.28
CA SER A 213 30.90 -17.89 6.62
C SER A 213 31.95 -16.76 6.84
N GLN A 214 31.97 -16.19 8.05
CA GLN A 214 32.93 -15.13 8.43
C GLN A 214 34.35 -15.68 8.62
N PRO A 215 35.36 -14.84 8.30
CA PRO A 215 36.74 -15.20 8.56
C PRO A 215 37.07 -15.10 10.05
N MET A 216 37.86 -16.05 10.57
CA MET A 216 38.22 -16.12 12.00
C MET A 216 39.39 -15.19 12.31
N VAL A 217 39.12 -13.90 12.29
CA VAL A 217 40.12 -12.87 12.59
C VAL A 217 40.36 -12.86 14.12
N GLY A 218 39.33 -12.57 14.91
CA GLY A 218 39.43 -12.57 16.37
C GLY A 218 40.04 -11.30 16.92
N VAL A 219 40.18 -11.24 18.25
CA VAL A 219 40.72 -10.05 18.94
C VAL A 219 42.09 -9.64 18.34
N SER A 220 43.08 -10.53 18.39
CA SER A 220 44.33 -10.37 17.64
C SER A 220 43.99 -10.40 16.16
N GLY A 221 44.51 -9.47 15.36
CA GLY A 221 44.09 -9.36 13.96
C GLY A 221 44.65 -10.44 13.06
N LYS A 222 44.21 -11.70 13.27
CA LYS A 222 44.77 -12.87 12.55
C LYS A 222 44.55 -12.80 11.05
N ARG A 223 45.50 -13.39 10.32
CA ARG A 223 45.45 -13.44 8.86
C ARG A 223 45.70 -14.84 8.34
N SER A 224 45.33 -15.04 7.07
CA SER A 224 45.53 -16.30 6.37
C SER A 224 45.95 -15.97 4.94
N LYS A 225 47.18 -16.33 4.59
CA LYS A 225 47.72 -16.09 3.25
C LYS A 225 46.87 -16.83 2.22
N GLU A 226 46.63 -18.12 2.49
CA GLU A 226 45.88 -18.98 1.55
C GLU A 226 44.44 -18.52 1.38
N ASP A 227 43.83 -18.02 2.46
CA ASP A 227 42.51 -17.39 2.37
C ASP A 227 42.53 -16.13 1.48
N GLU A 228 43.47 -15.24 1.76
CA GLU A 228 43.67 -14.03 0.98
C GLU A 228 43.89 -14.34 -0.51
N LYS A 229 44.74 -15.33 -0.78
CA LYS A 229 45.03 -15.75 -2.14
C LYS A 229 43.86 -16.53 -2.76
N TYR A 230 43.07 -17.22 -1.92
CA TYR A 230 41.81 -17.83 -2.37
C TYR A 230 40.87 -16.79 -2.97
N LEU A 231 40.67 -15.66 -2.26
CA LEU A 231 39.84 -14.55 -2.77
C LEU A 231 40.40 -13.89 -4.01
N GLN A 232 41.73 -13.77 -4.06
CA GLN A 232 42.42 -13.33 -5.27
C GLN A 232 42.11 -14.26 -6.45
N ALA A 233 42.16 -15.56 -6.21
CA ALA A 233 41.79 -16.57 -7.22
C ALA A 233 40.39 -16.37 -7.80
N ILE A 234 39.42 -16.08 -6.92
CA ILE A 234 38.06 -15.76 -7.36
C ILE A 234 38.07 -14.53 -8.29
N MET A 235 38.79 -13.49 -7.89
CA MET A 235 38.92 -12.27 -8.70
C MET A 235 39.63 -12.54 -10.02
N ASP A 236 40.70 -13.33 -9.96
CA ASP A 236 41.48 -13.75 -11.15
C ASP A 236 40.66 -14.56 -12.16
N SER A 237 39.63 -15.27 -11.68
CA SER A 237 38.73 -16.04 -12.56
C SER A 237 37.82 -15.19 -13.41
N ASN A 238 37.55 -13.95 -12.99
CA ASN A 238 36.75 -13.00 -13.78
C ASN A 238 37.60 -12.30 -14.87
N ALA A 239 37.04 -12.22 -16.09
CA ALA A 239 37.73 -11.65 -17.26
C ALA A 239 38.18 -10.21 -17.01
N GLN A 240 37.24 -9.27 -16.98
CA GLN A 240 37.50 -7.90 -16.56
C GLN A 240 37.80 -7.90 -15.05
N SER A 241 39.03 -8.27 -14.69
CA SER A 241 39.44 -8.45 -13.28
C SER A 241 39.54 -7.10 -12.57
N HIS A 242 38.43 -6.40 -12.49
CA HIS A 242 38.41 -5.05 -11.96
C HIS A 242 38.88 -5.00 -10.50
N LYS A 243 38.17 -5.74 -9.65
CA LYS A 243 38.11 -5.56 -8.19
C LYS A 243 37.13 -6.65 -7.73
N ILE A 244 37.23 -7.10 -6.48
CA ILE A 244 36.27 -8.06 -5.93
C ILE A 244 35.48 -7.36 -4.82
N PHE A 245 34.18 -7.65 -4.73
CA PHE A 245 33.35 -7.10 -3.63
C PHE A 245 33.05 -8.19 -2.62
N ILE A 246 33.01 -7.80 -1.35
CA ILE A 246 32.59 -8.68 -0.29
C ILE A 246 31.41 -8.02 0.39
N PHE A 247 30.24 -8.64 0.26
CA PHE A 247 29.05 -8.18 0.96
C PHE A 247 28.88 -8.94 2.25
N ASP A 248 29.16 -8.31 3.37
CA ASP A 248 28.85 -8.85 4.71
C ASP A 248 27.40 -8.51 5.03
N ALA A 249 26.57 -9.50 5.35
CA ALA A 249 25.13 -9.23 5.62
C ALA A 249 24.88 -8.34 6.83
N ARG A 250 25.78 -8.39 7.81
CA ARG A 250 25.51 -7.87 9.15
C ARG A 250 25.67 -6.38 9.20
N PRO A 251 25.05 -5.73 10.21
CA PRO A 251 25.49 -4.37 10.50
C PRO A 251 26.97 -4.37 10.92
N SER A 252 27.64 -3.24 10.70
CA SER A 252 29.01 -3.04 11.16
C SER A 252 29.15 -3.37 12.65
N VAL A 253 28.36 -2.77 13.52
CA VAL A 253 28.52 -3.01 14.95
C VAL A 253 28.42 -4.48 15.40
N ASN A 254 27.61 -5.26 14.71
CA ASN A 254 27.51 -6.72 14.97
C ASN A 254 28.71 -7.52 14.49
N ALA A 255 29.28 -7.12 13.36
CA ALA A 255 30.52 -7.73 12.86
C ALA A 255 31.70 -7.45 13.81
N VAL A 256 31.75 -6.25 14.38
CA VAL A 256 32.80 -5.87 15.36
C VAL A 256 32.63 -6.66 16.68
N ALA A 257 31.40 -6.84 17.14
CA ALA A 257 31.12 -7.69 18.30
C ALA A 257 31.49 -9.16 18.03
N ASN A 258 31.33 -9.60 16.78
CA ASN A 258 31.79 -10.93 16.37
C ASN A 258 33.30 -11.04 16.46
N LYS A 259 34.01 -10.00 16.01
CA LYS A 259 35.48 -10.00 16.03
C LYS A 259 35.99 -10.17 17.45
N ALA A 260 35.38 -9.49 18.40
CA ALA A 260 35.70 -9.64 19.84
C ALA A 260 35.61 -11.08 20.33
N LYS A 261 34.90 -11.92 19.59
CA LYS A 261 34.62 -13.27 19.99
C LYS A 261 35.23 -14.35 19.07
N GLY A 262 36.16 -13.99 18.19
CA GLY A 262 36.88 -14.97 17.38
C GLY A 262 36.63 -14.81 15.89
N GLY A 263 35.47 -14.25 15.54
CA GLY A 263 35.10 -14.05 14.15
C GLY A 263 35.65 -12.78 13.55
N GLY A 264 34.85 -12.07 12.76
CA GLY A 264 35.24 -10.79 12.19
C GLY A 264 34.95 -10.70 10.71
N TYR A 265 35.82 -9.98 9.99
CA TYR A 265 35.56 -9.58 8.60
C TYR A 265 36.89 -9.26 7.89
N GLU A 266 36.83 -9.13 6.58
CA GLU A 266 38.04 -8.98 5.74
C GLU A 266 38.50 -7.55 5.83
N SER A 267 39.67 -7.29 6.43
CA SER A 267 40.19 -5.92 6.49
C SER A 267 40.72 -5.51 5.11
N GLU A 268 40.72 -4.21 4.83
CA GLU A 268 41.30 -3.70 3.57
C GLU A 268 42.85 -3.73 3.51
N ASP A 269 43.50 -3.91 4.68
CA ASP A 269 44.93 -4.27 4.75
C ASP A 269 45.22 -5.58 4.04
N ALA A 270 44.48 -6.61 4.42
CA ALA A 270 44.78 -8.01 4.06
C ALA A 270 44.20 -8.47 2.71
N TYR A 271 43.14 -7.84 2.24
CA TYR A 271 42.43 -8.29 1.05
C TYR A 271 42.50 -7.14 0.09
N GLN A 272 43.72 -6.88 -0.37
CA GLN A 272 44.06 -5.58 -1.00
C GLN A 272 43.25 -5.21 -2.23
N ASN A 273 42.70 -6.21 -2.92
CA ASN A 273 41.86 -5.93 -4.08
C ASN A 273 40.33 -6.05 -3.81
N ALA A 274 39.92 -5.92 -2.55
CA ALA A 274 38.54 -6.13 -2.13
C ALA A 274 37.90 -4.88 -1.48
N GLU A 275 36.61 -4.70 -1.73
CA GLU A 275 35.77 -3.69 -1.07
C GLU A 275 34.79 -4.46 -0.18
N LEU A 276 34.83 -4.24 1.12
CA LEU A 276 33.84 -4.76 2.05
C LEU A 276 32.66 -3.80 2.31
N VAL A 277 31.43 -4.28 2.11
CA VAL A 277 30.19 -3.52 2.35
C VAL A 277 29.37 -4.30 3.37
N PHE A 278 28.91 -3.60 4.41
CA PHE A 278 28.03 -4.16 5.43
C PHE A 278 26.60 -3.86 5.00
N LEU A 279 25.69 -4.83 5.13
CA LEU A 279 24.33 -4.68 4.59
C LEU A 279 23.28 -4.38 5.65
N ASP A 280 23.69 -4.31 6.91
CA ASP A 280 22.83 -3.87 8.02
C ASP A 280 21.60 -4.75 8.19
N ILE A 281 21.80 -6.07 8.03
CA ILE A 281 20.76 -7.05 8.19
C ILE A 281 20.97 -7.80 9.51
N HIS A 282 19.97 -7.69 10.37
CA HIS A 282 20.07 -8.14 11.75
C HIS A 282 19.92 -9.61 11.90
N ASN A 283 20.27 -10.09 13.09
CA ASN A 283 20.37 -11.52 13.38
C ASN A 283 19.02 -12.17 13.73
N ILE A 284 19.06 -13.49 13.87
CA ILE A 284 17.83 -14.27 13.94
C ILE A 284 16.84 -13.93 15.05
N HIS A 285 17.40 -13.49 16.17
CA HIS A 285 16.60 -13.21 17.34
C HIS A 285 15.78 -11.97 17.08
N VAL A 286 16.38 -11.01 16.38
CA VAL A 286 15.70 -9.77 16.02
C VAL A 286 14.51 -10.09 15.12
N MET A 287 14.76 -10.88 14.09
CA MET A 287 13.71 -11.26 13.14
C MET A 287 12.62 -12.05 13.82
N ARG A 288 12.97 -12.87 14.81
CA ARG A 288 11.95 -13.64 15.54
C ARG A 288 11.04 -12.70 16.33
N GLU A 289 11.66 -11.73 17.04
CA GLU A 289 10.93 -10.73 17.78
C GLU A 289 10.04 -9.87 16.85
N SER A 290 10.58 -9.49 15.70
CA SER A 290 9.85 -8.72 14.71
C SER A 290 8.55 -9.41 14.32
N LEU A 291 8.63 -10.69 13.94
CA LEU A 291 7.41 -11.46 13.57
C LEU A 291 6.46 -11.64 14.73
N ARG A 292 6.98 -11.72 15.94
CA ARG A 292 6.16 -11.89 17.14
C ARG A 292 5.35 -10.64 17.41
N LYS A 293 5.99 -9.48 17.28
CA LYS A 293 5.31 -8.18 17.32
C LYS A 293 4.26 -8.09 16.19
N LEU A 294 4.61 -8.53 15.00
CA LEU A 294 3.66 -8.48 13.87
C LEU A 294 2.48 -9.37 14.11
N LYS A 295 2.71 -10.55 14.64
CA LYS A 295 1.58 -11.42 14.97
C LYS A 295 0.62 -10.75 15.98
N GLU A 296 1.18 -10.02 16.96
CA GLU A 296 0.38 -9.39 18.01
C GLU A 296 -0.60 -8.33 17.51
N ILE A 297 -0.24 -7.57 16.46
CA ILE A 297 -1.08 -6.46 15.99
C ILE A 297 -2.01 -6.84 14.84
N VAL A 298 -1.79 -8.02 14.27
CA VAL A 298 -2.49 -8.53 13.09
C VAL A 298 -3.58 -9.54 13.47
N TYR A 299 -3.42 -10.22 14.60
CA TYR A 299 -4.33 -11.26 15.04
C TYR A 299 -4.61 -11.11 16.55
N PRO A 300 -5.87 -11.19 16.97
CA PRO A 300 -7.03 -11.54 16.13
C PRO A 300 -7.62 -10.37 15.38
N ASN A 301 -7.67 -9.21 16.04
CA ASN A 301 -8.30 -7.99 15.50
C ASN A 301 -7.28 -6.85 15.34
N ILE A 302 -7.32 -6.20 14.18
CA ILE A 302 -6.45 -5.07 13.89
C ILE A 302 -7.01 -3.73 14.40
N GLU A 303 -6.28 -3.12 15.36
CA GLU A 303 -6.59 -1.76 15.85
C GLU A 303 -6.27 -0.70 14.79
N GLU A 304 -7.34 -0.22 14.14
CA GLU A 304 -7.27 0.61 12.94
C GLU A 304 -6.55 1.96 13.09
N THR A 305 -6.74 2.67 14.20
CA THR A 305 -6.26 4.09 14.30
C THR A 305 -4.75 4.21 14.41
N HIS A 306 -4.11 3.21 15.04
CA HIS A 306 -2.65 3.16 15.17
C HIS A 306 -2.05 2.05 14.30
N TRP A 307 -2.76 1.67 13.23
CA TRP A 307 -2.33 0.58 12.35
C TRP A 307 -0.93 0.82 11.77
N LEU A 308 -0.72 1.97 11.13
CA LEU A 308 0.52 2.23 10.43
C LEU A 308 1.71 2.28 11.39
N SER A 309 1.55 2.94 12.54
CA SER A 309 2.68 3.08 13.47
C SER A 309 2.98 1.75 14.23
N ASN A 310 1.94 1.01 14.58
CA ASN A 310 2.14 -0.34 15.12
C ASN A 310 2.92 -1.22 14.11
N LEU A 311 2.51 -1.25 12.85
CA LEU A 311 3.27 -1.93 11.80
C LEU A 311 4.72 -1.44 11.73
N GLU A 312 4.96 -0.14 11.82
CA GLU A 312 6.33 0.38 11.78
C GLU A 312 7.16 -0.16 12.93
N SER A 313 6.55 -0.31 14.09
CA SER A 313 7.27 -0.65 15.32
C SER A 313 7.64 -2.13 15.37
N THR A 314 7.00 -2.95 14.52
CA THR A 314 7.40 -4.35 14.35
C THR A 314 8.70 -4.42 13.60
N HIS A 315 8.96 -3.45 12.73
CA HIS A 315 10.12 -3.40 11.83
C HIS A 315 10.12 -4.49 10.75
N TRP A 316 9.02 -5.27 10.66
CA TRP A 316 8.96 -6.36 9.72
C TRP A 316 9.31 -5.89 8.30
N LEU A 317 8.70 -4.79 7.84
CA LEU A 317 8.94 -4.28 6.46
C LEU A 317 10.27 -3.62 6.25
N GLU A 318 10.86 -3.10 7.32
CA GLU A 318 12.20 -2.54 7.29
C GLU A 318 13.21 -3.66 7.05
N HIS A 319 12.96 -4.84 7.64
CA HIS A 319 13.88 -5.97 7.52
C HIS A 319 13.79 -6.54 6.14
N ILE A 320 12.55 -6.68 5.66
CA ILE A 320 12.28 -7.10 4.28
C ILE A 320 12.97 -6.15 3.31
N LYS A 321 12.87 -4.84 3.55
CA LYS A 321 13.50 -3.83 2.71
C LYS A 321 15.02 -4.04 2.62
N LEU A 322 15.65 -4.17 3.77
CA LEU A 322 17.07 -4.30 3.82
C LEU A 322 17.55 -5.56 3.12
N ILE A 323 16.80 -6.65 3.29
CA ILE A 323 17.17 -7.94 2.70
C ILE A 323 17.14 -7.86 1.18
N LEU A 324 16.04 -7.36 0.63
CA LEU A 324 15.95 -7.16 -0.83
C LEU A 324 16.95 -6.14 -1.37
N ALA A 325 17.18 -5.07 -0.59
CA ALA A 325 18.16 -4.03 -0.92
C ALA A 325 19.54 -4.64 -1.02
N GLY A 326 19.85 -5.54 -0.10
CA GLY A 326 21.11 -6.26 -0.12
C GLY A 326 21.25 -7.14 -1.35
N ALA A 327 20.16 -7.84 -1.69
CA ALA A 327 20.14 -8.72 -2.84
C ALA A 327 20.31 -7.91 -4.13
N LEU A 328 19.54 -6.83 -4.22
CA LEU A 328 19.69 -5.80 -5.26
C LEU A 328 21.10 -5.28 -5.49
N ARG A 329 21.82 -4.99 -4.42
CA ARG A 329 23.18 -4.47 -4.55
C ARG A 329 24.10 -5.52 -5.11
N ILE A 330 23.94 -6.76 -4.64
CA ILE A 330 24.72 -7.89 -5.16
C ILE A 330 24.38 -8.12 -6.63
N ALA A 331 23.10 -8.11 -6.97
CA ALA A 331 22.67 -8.40 -8.33
C ALA A 331 23.19 -7.34 -9.30
N ASP A 332 22.99 -6.07 -8.95
CA ASP A 332 23.52 -4.91 -9.69
C ASP A 332 25.03 -5.00 -9.88
N LYS A 333 25.77 -5.35 -8.84
CA LYS A 333 27.21 -5.46 -8.93
C LYS A 333 27.74 -6.55 -9.89
N VAL A 334 26.98 -7.62 -10.04
CA VAL A 334 27.30 -8.70 -10.98
C VAL A 334 26.86 -8.34 -12.40
N GLU A 335 25.63 -7.85 -12.55
CA GLU A 335 25.03 -7.61 -13.86
C GLU A 335 25.59 -6.36 -14.54
N SER A 336 25.50 -5.23 -13.84
CA SER A 336 25.93 -3.95 -14.39
C SER A 336 27.45 -3.83 -14.27
N GLY A 337 27.95 -3.96 -13.05
CA GLY A 337 29.37 -3.86 -12.79
C GLY A 337 30.28 -4.96 -13.29
N LYS A 338 29.73 -6.05 -13.82
CA LYS A 338 30.53 -7.18 -14.33
C LYS A 338 31.55 -7.74 -13.32
N THR A 339 31.30 -7.50 -12.02
CA THR A 339 32.27 -7.74 -10.95
C THR A 339 31.83 -8.96 -10.12
N SER A 340 32.80 -9.74 -9.67
CA SER A 340 32.51 -10.90 -8.82
C SER A 340 32.30 -10.43 -7.39
N VAL A 341 31.45 -11.15 -6.66
CA VAL A 341 31.11 -10.83 -5.28
C VAL A 341 31.17 -12.06 -4.39
N VAL A 342 31.39 -11.81 -3.11
CA VAL A 342 31.54 -12.83 -2.09
C VAL A 342 30.58 -12.43 -1.00
N VAL A 343 29.63 -13.30 -0.69
CA VAL A 343 28.60 -12.99 0.27
C VAL A 343 28.87 -13.80 1.50
N HIS A 344 28.97 -13.12 2.64
CA HIS A 344 28.99 -13.83 3.94
C HIS A 344 28.23 -13.09 5.01
N SER A 345 28.01 -13.80 6.10
CA SER A 345 27.30 -13.29 7.24
C SER A 345 28.13 -13.71 8.45
N SER A 346 27.55 -14.26 9.53
CA SER A 346 28.37 -14.81 10.62
C SER A 346 28.69 -16.24 10.23
N ASP A 347 27.66 -17.09 10.26
CA ASP A 347 27.78 -18.52 9.90
C ASP A 347 27.54 -18.83 8.43
N GLY A 348 27.16 -17.84 7.64
CA GLY A 348 26.92 -18.02 6.21
C GLY A 348 25.83 -19.02 5.86
N TRP A 349 24.84 -19.19 6.73
CA TRP A 349 23.71 -20.09 6.44
C TRP A 349 22.29 -19.56 6.61
N ASP A 350 22.11 -18.33 7.16
CA ASP A 350 20.76 -17.66 7.28
C ASP A 350 20.69 -16.48 6.31
N ARG A 351 21.34 -15.38 6.69
CA ARG A 351 21.28 -14.16 5.89
C ARG A 351 21.85 -14.37 4.52
N THR A 352 22.92 -15.16 4.43
CA THR A 352 23.60 -15.46 3.17
C THR A 352 22.69 -16.21 2.16
N ALA A 353 21.97 -17.24 2.65
CA ALA A 353 20.97 -17.97 1.84
C ALA A 353 19.92 -17.05 1.31
N GLN A 354 19.44 -16.14 2.18
CA GLN A 354 18.52 -15.11 1.76
C GLN A 354 19.11 -14.28 0.63
N LEU A 355 20.35 -13.82 0.84
CA LEU A 355 21.01 -12.92 -0.09
C LEU A 355 21.36 -13.57 -1.43
N THR A 356 21.97 -14.74 -1.43
CA THR A 356 22.34 -15.37 -2.71
C THR A 356 21.11 -15.82 -3.47
N SER A 357 20.23 -16.57 -2.81
CA SER A 357 19.02 -17.02 -3.49
C SER A 357 18.13 -15.88 -4.03
N LEU A 358 18.06 -14.74 -3.36
CA LEU A 358 17.31 -13.61 -3.91
C LEU A 358 18.04 -12.93 -5.07
N ALA A 359 19.33 -12.66 -4.92
CA ALA A 359 20.15 -12.18 -6.06
C ALA A 359 20.02 -13.11 -7.27
N MET A 360 20.13 -14.43 -7.04
CA MET A 360 19.99 -15.42 -8.12
C MET A 360 18.63 -15.43 -8.83
N LEU A 361 17.54 -15.21 -8.09
CA LEU A 361 16.21 -15.00 -8.69
C LEU A 361 16.19 -13.76 -9.58
N MET A 362 16.88 -12.70 -9.18
CA MET A 362 16.92 -11.49 -10.01
C MET A 362 17.70 -11.75 -11.29
N LEU A 363 18.81 -12.47 -11.18
CA LEU A 363 19.74 -12.61 -12.29
C LEU A 363 19.32 -13.64 -13.36
N ASP A 364 18.57 -14.68 -12.98
CA ASP A 364 18.40 -15.90 -13.82
C ASP A 364 16.96 -16.36 -13.79
N GLY A 365 16.32 -16.33 -14.95
CA GLY A 365 14.90 -16.65 -15.05
C GLY A 365 14.58 -18.12 -14.89
N TYR A 366 15.59 -18.97 -15.02
CA TYR A 366 15.43 -20.40 -14.75
C TYR A 366 14.78 -20.60 -13.35
N TYR A 367 15.32 -19.90 -12.34
CA TYR A 367 14.84 -19.99 -10.96
C TYR A 367 13.44 -19.37 -10.72
N ARG A 368 12.93 -18.62 -11.70
CA ARG A 368 11.56 -18.13 -11.66
C ARG A 368 10.54 -19.15 -12.16
N THR A 369 11.00 -20.26 -12.75
CA THR A 369 10.10 -21.34 -13.14
C THR A 369 9.81 -22.18 -11.90
N ILE A 370 8.59 -22.72 -11.77
CA ILE A 370 8.27 -23.66 -10.69
C ILE A 370 9.41 -24.68 -10.51
N ARG A 371 9.73 -25.48 -11.53
CA ARG A 371 10.85 -26.41 -11.43
C ARG A 371 12.18 -25.79 -11.01
N GLY A 372 12.50 -24.63 -11.57
CA GLY A 372 13.73 -23.92 -11.20
C GLY A 372 13.78 -23.37 -9.77
N PHE A 373 12.62 -22.96 -9.25
CA PHE A 373 12.48 -22.54 -7.85
C PHE A 373 12.71 -23.73 -6.90
N GLU A 374 12.16 -24.88 -7.25
CA GLU A 374 12.33 -26.09 -6.45
C GLU A 374 13.85 -26.39 -6.42
N VAL A 375 14.53 -26.20 -7.54
CA VAL A 375 15.99 -26.34 -7.56
C VAL A 375 16.65 -25.28 -6.69
N LEU A 376 16.21 -24.02 -6.80
CA LEU A 376 16.85 -22.93 -6.04
C LEU A 376 16.86 -23.16 -4.55
N VAL A 377 15.71 -23.56 -4.02
CA VAL A 377 15.55 -23.93 -2.60
C VAL A 377 16.39 -25.14 -2.24
N GLU A 378 16.34 -26.20 -3.05
CA GLU A 378 17.14 -27.41 -2.78
C GLU A 378 18.63 -27.11 -2.73
N LYS A 379 19.10 -26.32 -3.69
CA LYS A 379 20.50 -25.93 -3.79
C LYS A 379 20.94 -25.01 -2.64
N GLU A 380 20.36 -23.81 -2.55
CA GLU A 380 20.90 -22.75 -1.70
C GLU A 380 20.42 -22.80 -0.26
N TRP A 381 19.31 -23.47 -0.02
CA TRP A 381 18.74 -23.56 1.33
C TRP A 381 19.00 -24.90 1.99
N LEU A 382 18.55 -25.97 1.32
CA LEU A 382 18.78 -27.31 1.82
C LEU A 382 20.26 -27.75 1.68
N SER A 383 20.81 -27.71 0.47
CA SER A 383 22.16 -28.29 0.24
C SER A 383 23.28 -27.54 1.02
N PHE A 384 23.15 -26.22 1.09
CA PHE A 384 24.14 -25.36 1.71
C PHE A 384 24.04 -25.25 3.22
N GLY A 385 23.06 -25.91 3.84
CA GLY A 385 23.10 -26.15 5.29
C GLY A 385 22.34 -25.19 6.18
N HIS A 386 21.26 -24.59 5.67
CA HIS A 386 20.30 -23.92 6.51
C HIS A 386 19.67 -24.91 7.48
N ARG A 387 19.60 -24.53 8.74
CA ARG A 387 19.29 -25.48 9.83
C ARG A 387 17.79 -25.56 10.16
N PHE A 388 17.01 -26.16 9.29
CA PHE A 388 15.54 -25.98 9.33
C PHE A 388 14.92 -26.57 10.58
N GLN A 389 15.41 -27.76 10.99
CA GLN A 389 14.95 -28.42 12.23
C GLN A 389 15.06 -27.49 13.44
N LEU A 390 16.21 -26.82 13.57
CA LEU A 390 16.44 -25.86 14.63
C LEU A 390 15.64 -24.55 14.49
N ARG A 391 15.62 -24.02 13.27
CA ARG A 391 14.99 -22.73 12.98
C ARG A 391 13.47 -22.75 13.06
N VAL A 392 12.88 -23.86 12.66
CA VAL A 392 11.44 -24.05 12.70
C VAL A 392 10.98 -24.86 13.93
N GLY A 393 11.78 -25.82 14.38
CA GLY A 393 11.52 -26.54 15.63
C GLY A 393 10.49 -27.65 15.52
N HIS A 394 10.56 -28.43 14.43
CA HIS A 394 9.57 -29.45 14.12
C HIS A 394 9.28 -30.40 15.29
N GLY A 395 8.00 -30.54 15.61
CA GLY A 395 7.57 -31.48 16.65
C GLY A 395 8.33 -31.41 17.96
N ASP A 396 8.70 -30.20 18.39
CA ASP A 396 9.56 -29.99 19.55
C ASP A 396 8.87 -28.93 20.41
N LYS A 397 8.71 -29.21 21.69
CA LYS A 397 7.87 -28.36 22.54
C LYS A 397 8.57 -27.17 23.16
N ASN A 398 9.89 -27.03 22.99
CA ASN A 398 10.61 -25.84 23.48
C ASN A 398 10.27 -24.65 22.63
N HIS A 399 9.13 -24.04 22.88
CA HIS A 399 8.69 -22.92 22.08
C HIS A 399 9.65 -21.73 22.21
N ALA A 400 10.25 -21.55 23.39
CA ALA A 400 11.12 -20.41 23.65
C ALA A 400 12.52 -20.54 23.07
N ASP A 401 12.83 -21.68 22.47
CA ASP A 401 14.15 -21.91 21.90
C ASP A 401 14.63 -20.67 21.13
N ALA A 402 15.80 -20.18 21.50
CA ALA A 402 16.38 -18.96 20.91
C ALA A 402 16.92 -19.20 19.51
N ASP A 403 16.95 -20.46 19.12
CA ASP A 403 17.55 -20.85 17.88
C ASP A 403 16.46 -20.93 16.78
N ARG A 404 15.19 -20.77 17.15
CA ARG A 404 14.11 -20.62 16.18
C ARG A 404 14.05 -19.24 15.62
N SER A 405 13.85 -19.15 14.31
CA SER A 405 13.68 -17.88 13.62
C SER A 405 13.05 -18.08 12.22
N PRO A 406 12.22 -17.12 11.80
CA PRO A 406 11.57 -17.15 10.50
C PRO A 406 12.43 -16.72 9.32
N VAL A 407 13.71 -17.11 9.31
CA VAL A 407 14.59 -16.74 8.18
C VAL A 407 14.09 -17.18 6.80
N PHE A 408 13.60 -18.40 6.70
CA PHE A 408 13.05 -18.89 5.42
C PHE A 408 11.70 -18.24 5.06
N LEU A 409 10.84 -18.02 6.06
CA LEU A 409 9.57 -17.28 5.84
C LEU A 409 9.86 -15.88 5.36
N GLN A 410 10.87 -15.23 5.95
CA GLN A 410 11.33 -13.91 5.47
C GLN A 410 11.74 -13.93 3.96
N PHE A 411 12.46 -15.00 3.56
CA PHE A 411 12.80 -15.21 2.15
C PHE A 411 11.60 -15.30 1.24
N ILE A 412 10.60 -16.08 1.62
CA ILE A 412 9.39 -16.23 0.83
C ILE A 412 8.59 -14.93 0.74
N ASP A 413 8.47 -14.17 1.84
CA ASP A 413 7.91 -12.83 1.78
C ASP A 413 8.67 -12.02 0.73
N CYS A 414 9.99 -11.94 0.83
CA CYS A 414 10.75 -11.16 -0.17
C CYS A 414 10.46 -11.58 -1.63
N VAL A 415 10.18 -12.88 -1.87
CA VAL A 415 9.87 -13.40 -3.21
C VAL A 415 8.49 -12.95 -3.60
N TRP A 416 7.52 -13.09 -2.71
CA TRP A 416 6.20 -12.53 -2.95
C TRP A 416 6.31 -11.06 -3.40
N GLN A 417 7.02 -10.22 -2.62
CA GLN A 417 7.23 -8.82 -3.00
C GLN A 417 7.63 -8.69 -4.47
N MET A 418 8.63 -9.47 -4.88
CA MET A 418 9.03 -9.50 -6.28
C MET A 418 7.92 -9.94 -7.26
N THR A 419 7.03 -10.87 -6.88
CA THR A 419 5.92 -11.25 -7.76
C THR A 419 4.94 -10.08 -7.94
N ARG A 420 4.70 -9.32 -6.87
CA ARG A 420 3.81 -8.17 -6.95
C ARG A 420 4.37 -7.08 -7.85
N GLN A 421 5.65 -6.79 -7.70
CA GLN A 421 6.28 -5.80 -8.58
C GLN A 421 6.49 -6.29 -10.03
N PHE A 422 6.39 -7.59 -10.30
CA PHE A 422 6.59 -8.11 -11.66
C PHE A 422 5.65 -9.27 -11.90
N PRO A 423 4.34 -8.98 -12.08
CA PRO A 423 3.32 -10.05 -12.05
C PRO A 423 3.34 -11.02 -13.22
N THR A 424 4.15 -10.73 -14.25
CA THR A 424 4.33 -11.61 -15.39
C THR A 424 5.66 -12.37 -15.36
N ALA A 425 6.50 -12.15 -14.35
CA ALA A 425 7.88 -12.66 -14.40
C ALA A 425 8.10 -14.05 -13.78
N PHE A 426 7.18 -14.48 -12.90
CA PHE A 426 7.29 -15.77 -12.26
C PHE A 426 6.22 -16.74 -12.77
N GLU A 427 6.62 -17.95 -13.16
CA GLU A 427 5.69 -19.05 -13.47
C GLU A 427 4.78 -19.44 -12.30
N PHE A 428 5.27 -19.25 -11.07
CA PHE A 428 4.46 -19.56 -9.89
C PHE A 428 3.63 -18.38 -9.44
N ASN A 429 2.59 -18.71 -8.68
CA ASN A 429 1.63 -17.74 -8.15
C ASN A 429 1.70 -17.60 -6.62
N GLU A 430 0.90 -16.70 -6.04
CA GLU A 430 0.87 -16.48 -4.60
C GLU A 430 0.52 -17.74 -3.83
N TYR A 431 -0.33 -18.60 -4.40
CA TYR A 431 -0.82 -19.77 -3.68
C TYR A 431 0.27 -20.84 -3.49
N PHE A 432 1.20 -20.88 -4.43
CA PHE A 432 2.38 -21.75 -4.38
C PHE A 432 3.24 -21.36 -3.18
N LEU A 433 3.53 -20.05 -3.06
CA LEU A 433 4.28 -19.51 -1.92
C LEU A 433 3.62 -19.82 -0.56
N ILE A 434 2.32 -19.62 -0.45
CA ILE A 434 1.60 -19.93 0.77
C ILE A 434 1.68 -21.43 1.04
N THR A 435 1.56 -22.22 -0.03
CA THR A 435 1.57 -23.66 0.13
C THR A 435 2.94 -24.12 0.68
N ILE A 436 4.03 -23.59 0.13
CA ILE A 436 5.37 -23.80 0.66
C ILE A 436 5.44 -23.49 2.16
N LEU A 437 4.86 -22.37 2.59
CA LEU A 437 4.89 -21.99 4.00
C LEU A 437 3.92 -22.80 4.88
N ASP A 438 2.83 -23.33 4.31
CA ASP A 438 2.03 -24.35 5.00
C ASP A 438 2.85 -25.62 5.26
N HIS A 439 3.61 -26.09 4.27
CA HIS A 439 4.37 -27.35 4.41
C HIS A 439 5.74 -27.19 5.09
N LEU A 440 6.21 -25.96 5.22
CA LEU A 440 7.34 -25.64 6.09
C LEU A 440 7.07 -26.05 7.54
N TYR A 441 5.83 -25.90 8.00
CA TYR A 441 5.44 -26.34 9.35
C TYR A 441 4.79 -27.72 9.43
N SER A 442 4.11 -28.14 8.36
CA SER A 442 3.23 -29.30 8.46
C SER A 442 3.94 -30.62 8.84
N CYS A 443 5.22 -30.76 8.47
CA CYS A 443 5.96 -32.02 8.58
C CYS A 443 5.34 -33.22 7.85
N LEU A 444 4.49 -32.95 6.85
CA LEU A 444 3.91 -34.00 5.98
C LEU A 444 4.99 -34.58 5.09
N PHE A 445 5.82 -33.70 4.56
CA PHE A 445 6.89 -34.04 3.64
C PHE A 445 8.23 -34.03 4.36
N GLY A 446 9.23 -34.68 3.79
CA GLY A 446 10.58 -34.68 4.37
C GLY A 446 11.42 -33.48 3.97
N THR A 447 10.93 -32.65 3.05
CA THR A 447 11.73 -31.60 2.43
C THR A 447 12.45 -30.66 3.37
N PHE A 448 11.78 -30.24 4.45
CA PHE A 448 12.34 -29.22 5.38
C PHE A 448 12.71 -29.77 6.76
N LEU A 449 13.05 -31.05 6.81
CA LEU A 449 13.54 -31.69 8.02
C LEU A 449 15.05 -31.74 7.95
N CYS A 450 15.64 -31.88 9.15
CA CYS A 450 17.13 -31.92 9.37
C CYS A 450 17.87 -30.57 9.17
N ASN A 451 19.14 -30.52 9.57
CA ASN A 451 19.92 -29.29 9.52
C ASN A 451 21.06 -29.26 8.51
N SER A 452 21.29 -30.37 7.81
CA SER A 452 22.35 -30.43 6.78
C SER A 452 22.15 -31.57 5.80
N GLU A 453 22.85 -31.52 4.67
CA GLU A 453 22.77 -32.57 3.64
C GLU A 453 23.27 -33.84 4.27
N GLN A 454 24.32 -33.75 5.10
CA GLN A 454 24.87 -34.93 5.79
C GLN A 454 23.85 -35.59 6.73
N GLN A 455 23.11 -34.81 7.49
CA GLN A 455 22.04 -35.38 8.33
C GLN A 455 20.94 -35.97 7.49
N ARG A 456 20.57 -35.26 6.41
CA ARG A 456 19.56 -35.77 5.49
C ARG A 456 20.00 -37.12 4.92
N GLY A 457 21.31 -37.26 4.63
CA GLY A 457 21.93 -38.54 4.20
C GLY A 457 21.86 -39.67 5.22
N LYS A 458 22.27 -39.39 6.46
CA LYS A 458 22.18 -40.37 7.54
C LYS A 458 20.76 -40.82 7.87
N GLU A 459 19.81 -39.91 8.02
CA GLU A 459 18.41 -40.29 8.26
C GLU A 459 17.72 -40.92 7.02
N ASN A 460 18.39 -40.81 5.86
CA ASN A 460 17.97 -41.43 4.58
C ASN A 460 16.57 -40.98 4.12
N LEU A 461 16.40 -39.65 4.10
CA LEU A 461 15.12 -39.01 3.81
C LEU A 461 14.54 -39.37 2.44
N PRO A 462 15.41 -39.48 1.41
CA PRO A 462 14.84 -39.78 0.11
C PRO A 462 14.13 -41.13 0.03
N LYS A 463 14.56 -42.10 0.82
CA LYS A 463 13.94 -43.42 0.81
C LYS A 463 12.81 -43.51 1.82
N ARG A 464 12.79 -42.60 2.80
CA ARG A 464 11.86 -42.72 3.94
C ARG A 464 10.71 -41.70 4.01
N THR A 465 10.79 -40.65 3.18
CA THR A 465 9.74 -39.60 3.11
C THR A 465 9.44 -39.15 1.67
N VAL A 466 8.25 -38.58 1.51
CA VAL A 466 7.81 -37.96 0.26
C VAL A 466 8.35 -36.54 0.17
N SER A 467 8.77 -36.14 -1.03
CA SER A 467 9.26 -34.79 -1.29
C SER A 467 8.09 -33.84 -1.54
N LEU A 468 8.05 -32.69 -0.85
CA LEU A 468 7.02 -31.66 -1.09
C LEU A 468 6.85 -31.40 -2.59
N TRP A 469 7.98 -31.31 -3.26
CA TRP A 469 7.99 -30.89 -4.62
C TRP A 469 7.47 -32.01 -5.59
N SER A 470 7.33 -33.25 -5.09
CA SER A 470 6.58 -34.31 -5.78
C SER A 470 5.08 -34.02 -5.78
N TYR A 471 4.56 -33.54 -4.66
CA TYR A 471 3.17 -33.13 -4.56
C TYR A 471 2.92 -31.92 -5.46
N ILE A 472 3.71 -30.86 -5.30
CA ILE A 472 3.51 -29.63 -6.11
C ILE A 472 3.37 -29.98 -7.58
N ASN A 473 4.30 -30.78 -8.10
CA ASN A 473 4.33 -31.06 -9.53
C ASN A 473 3.23 -32.02 -10.04
N SER A 474 2.50 -32.70 -9.14
CA SER A 474 1.23 -33.40 -9.48
C SER A 474 0.05 -32.46 -9.65
N GLN A 475 0.26 -31.17 -9.37
CA GLN A 475 -0.82 -30.24 -9.13
C GLN A 475 -0.44 -28.86 -9.64
N LEU A 476 0.32 -28.81 -10.76
CA LEU A 476 0.84 -27.55 -11.29
C LEU A 476 -0.27 -26.49 -11.57
N GLU A 477 -1.53 -26.92 -11.78
CA GLU A 477 -2.67 -26.06 -12.26
C GLU A 477 -3.05 -25.07 -11.20
N ASP A 478 -2.89 -25.50 -9.96
CA ASP A 478 -3.25 -24.71 -8.80
C ASP A 478 -2.15 -23.69 -8.50
N PHE A 479 -0.94 -23.93 -9.01
CA PHE A 479 0.25 -23.14 -8.68
C PHE A 479 0.81 -22.25 -9.81
N THR A 480 0.25 -22.39 -11.00
CA THR A 480 0.75 -21.64 -12.16
C THR A 480 0.16 -20.23 -12.18
N ASN A 481 1.00 -19.27 -12.60
CA ASN A 481 0.61 -17.89 -12.84
C ASN A 481 0.14 -17.78 -14.30
N PRO A 482 -1.17 -17.54 -14.56
CA PRO A 482 -1.66 -17.39 -15.95
C PRO A 482 -0.91 -16.33 -16.79
N LEU A 483 -0.57 -15.19 -16.17
CA LEU A 483 0.11 -14.08 -16.87
C LEU A 483 1.58 -14.32 -17.18
N TYR A 484 2.13 -15.48 -16.82
CA TYR A 484 3.57 -15.73 -16.98
C TYR A 484 3.96 -15.76 -18.44
N GLY A 485 5.19 -15.33 -18.72
CA GLY A 485 5.90 -15.72 -19.95
C GLY A 485 6.35 -14.62 -20.88
N SER A 486 5.94 -13.38 -20.59
CA SER A 486 6.29 -12.21 -21.41
C SER A 486 7.12 -11.21 -20.60
N TYR A 487 8.27 -11.68 -20.12
CA TYR A 487 9.27 -10.82 -19.47
C TYR A 487 10.71 -11.21 -19.90
N SER A 488 10.97 -11.00 -21.19
CA SER A 488 12.28 -11.31 -21.83
C SER A 488 13.37 -10.20 -21.69
N ASN A 489 13.07 -9.15 -20.92
CA ASN A 489 14.11 -8.37 -20.22
C ASN A 489 14.39 -9.19 -18.94
N HIS A 490 15.36 -10.10 -19.05
CA HIS A 490 15.47 -11.19 -18.08
C HIS A 490 15.96 -10.81 -16.67
N VAL A 491 16.50 -9.62 -16.43
CA VAL A 491 16.93 -9.24 -15.05
C VAL A 491 15.95 -8.35 -14.29
N LEU A 492 15.50 -8.79 -13.12
CA LEU A 492 14.57 -8.04 -12.31
C LEU A 492 15.28 -7.11 -11.32
N TYR A 493 14.78 -5.89 -11.20
CA TYR A 493 15.28 -4.90 -10.23
C TYR A 493 14.09 -4.36 -9.47
N PRO A 494 13.75 -5.00 -8.33
CA PRO A 494 12.61 -4.47 -7.60
C PRO A 494 13.02 -3.21 -6.88
N VAL A 495 12.03 -2.49 -6.38
CA VAL A 495 12.32 -1.28 -5.65
C VAL A 495 12.14 -1.64 -4.18
N ALA A 496 13.23 -1.46 -3.43
CA ALA A 496 13.27 -1.66 -1.99
C ALA A 496 13.00 -0.34 -1.28
N SER A 497 11.72 0.00 -1.17
CA SER A 497 11.26 1.27 -0.58
C SER A 497 10.03 1.00 0.23
N MET A 498 9.84 1.74 1.32
CA MET A 498 8.69 1.51 2.22
C MET A 498 7.35 1.92 1.61
N ARG A 499 7.39 2.67 0.52
CA ARG A 499 6.22 2.93 -0.30
C ARG A 499 5.85 1.77 -1.24
N HIS A 500 6.86 1.13 -1.85
CA HIS A 500 6.65 0.02 -2.83
C HIS A 500 6.35 -1.38 -2.25
N LEU A 501 6.92 -1.69 -1.09
CA LEU A 501 6.73 -2.97 -0.44
C LEU A 501 5.42 -2.95 0.31
N GLU A 502 4.73 -4.08 0.33
CA GLU A 502 3.41 -4.21 0.95
C GLU A 502 3.51 -5.27 2.05
N LEU A 503 2.64 -5.19 3.05
CA LEU A 503 2.47 -6.25 4.03
C LEU A 503 1.72 -7.37 3.33
N TRP A 504 2.27 -8.58 3.37
CA TRP A 504 1.68 -9.75 2.69
C TRP A 504 0.45 -10.19 3.45
N VAL A 505 -0.62 -9.42 3.25
CA VAL A 505 -1.92 -9.67 3.84
C VAL A 505 -2.41 -11.09 3.53
N GLY A 506 -2.17 -11.53 2.30
CA GLY A 506 -2.51 -12.87 1.85
C GLY A 506 -2.04 -13.94 2.80
N TYR A 507 -0.82 -13.81 3.33
CA TYR A 507 -0.27 -14.77 4.26
C TYR A 507 -0.57 -14.42 5.73
N TYR A 508 -0.33 -13.18 6.16
CA TYR A 508 -0.29 -12.83 7.61
C TYR A 508 -1.62 -12.43 8.17
N ILE A 509 -2.57 -12.07 7.30
CA ILE A 509 -3.92 -11.71 7.73
C ILE A 509 -4.90 -12.47 6.84
N ARG A 510 -4.80 -13.80 6.83
CA ARG A 510 -5.63 -14.61 5.95
C ARG A 510 -6.79 -15.31 6.63
N TRP A 511 -6.79 -15.30 7.96
CA TRP A 511 -7.75 -16.08 8.71
C TRP A 511 -9.08 -15.38 8.95
N ASN A 512 -9.23 -14.15 8.45
CA ASN A 512 -10.47 -13.39 8.52
C ASN A 512 -11.38 -13.72 7.30
N PRO A 513 -12.62 -14.27 7.54
CA PRO A 513 -13.59 -14.46 6.43
C PRO A 513 -14.23 -13.15 5.90
N ARG A 514 -14.10 -12.05 6.65
CA ARG A 514 -14.39 -10.70 6.18
C ARG A 514 -15.86 -10.53 5.78
N GLU B 3 11.92 29.71 -24.67
CA GLU B 3 10.64 30.47 -24.61
C GLU B 3 9.42 29.56 -24.51
N PRO B 4 8.35 30.03 -23.84
CA PRO B 4 7.15 29.21 -23.66
C PRO B 4 6.27 29.14 -24.92
N PRO B 5 5.72 27.95 -25.25
CA PRO B 5 4.78 27.88 -26.39
C PRO B 5 3.42 28.48 -25.97
N LEU B 6 3.16 29.69 -26.43
CA LEU B 6 2.16 30.55 -25.82
C LEU B 6 0.74 30.17 -26.18
N LEU B 7 -0.15 30.37 -25.22
CA LEU B 7 -1.55 30.11 -25.45
C LEU B 7 -2.16 31.32 -26.15
N PRO B 8 -3.29 31.11 -26.83
CA PRO B 8 -4.03 32.27 -27.33
C PRO B 8 -4.48 33.17 -26.20
N GLY B 9 -4.08 34.44 -26.24
CA GLY B 9 -4.35 35.44 -25.18
C GLY B 9 -3.21 35.67 -24.20
N GLU B 10 -2.20 34.80 -24.24
CA GLU B 10 -1.08 34.82 -23.31
C GLU B 10 0.09 35.53 -23.96
N ASN B 11 0.71 36.46 -23.26
CA ASN B 11 1.91 37.13 -23.78
C ASN B 11 2.96 37.37 -22.68
N ILE B 12 4.21 37.50 -23.10
CA ILE B 12 5.36 37.51 -22.22
C ILE B 12 5.49 38.86 -21.52
N LYS B 13 5.32 38.90 -20.21
CA LYS B 13 5.56 40.13 -19.45
C LYS B 13 7.03 40.29 -19.03
N ASP B 14 7.81 39.21 -19.02
CA ASP B 14 9.23 39.30 -18.64
C ASP B 14 10.06 38.07 -19.02
N MET B 15 11.36 38.26 -19.12
CA MET B 15 12.28 37.18 -19.47
C MET B 15 13.62 37.41 -18.78
N ALA B 16 14.40 36.33 -18.61
CA ALA B 16 15.70 36.42 -17.94
C ALA B 16 16.60 35.25 -18.32
N LYS B 17 17.82 35.56 -18.75
CA LYS B 17 18.79 34.55 -19.17
C LYS B 17 19.70 34.16 -18.02
N ASP B 18 20.34 33.00 -18.16
CA ASP B 18 21.35 32.51 -17.19
C ASP B 18 20.79 32.53 -15.76
N VAL B 19 19.58 31.99 -15.62
CA VAL B 19 18.95 31.80 -14.34
C VAL B 19 19.17 30.34 -13.98
N THR B 20 19.48 30.10 -12.71
CA THR B 20 19.72 28.78 -12.18
C THR B 20 18.54 28.34 -11.31
N TYR B 21 17.93 27.20 -11.65
CA TYR B 21 16.95 26.53 -10.79
C TYR B 21 17.69 25.43 -10.05
N ILE B 22 17.49 25.35 -8.72
CA ILE B 22 18.16 24.33 -7.90
C ILE B 22 17.16 23.20 -7.60
N CYS B 23 17.26 22.12 -8.36
CA CYS B 23 16.40 20.94 -8.17
C CYS B 23 16.89 20.14 -6.98
N PRO B 24 15.99 19.78 -6.02
CA PRO B 24 16.47 19.00 -4.86
C PRO B 24 16.71 17.51 -5.15
N PHE B 25 16.36 17.05 -6.35
CA PHE B 25 16.57 15.66 -6.81
C PHE B 25 17.76 15.57 -7.78
N THR B 26 17.78 16.43 -8.81
CA THR B 26 18.83 16.42 -9.85
C THR B 26 19.92 17.49 -9.69
N GLY B 27 19.76 18.42 -8.75
CA GLY B 27 20.76 19.48 -8.51
C GLY B 27 20.63 20.74 -9.40
N ALA B 28 21.68 21.56 -9.35
CA ALA B 28 21.72 22.84 -10.06
C ALA B 28 21.72 22.68 -11.59
N VAL B 29 20.96 23.55 -12.26
CA VAL B 29 20.77 23.54 -13.71
C VAL B 29 20.37 24.94 -14.16
N ARG B 30 20.95 25.38 -15.28
CA ARG B 30 20.87 26.79 -15.71
C ARG B 30 20.13 26.96 -17.03
N GLY B 31 19.55 28.13 -17.24
CA GLY B 31 18.70 28.38 -18.41
C GLY B 31 17.87 29.65 -18.30
N THR B 32 16.74 29.66 -19.02
CA THR B 32 15.91 30.87 -19.25
C THR B 32 14.57 30.90 -18.47
N LEU B 33 14.36 31.92 -17.62
CA LEU B 33 13.11 32.10 -16.84
C LEU B 33 12.13 33.14 -17.39
N THR B 34 11.09 32.67 -18.07
CA THR B 34 10.01 33.53 -18.60
C THR B 34 8.84 33.69 -17.61
N VAL B 35 8.28 34.90 -17.50
CA VAL B 35 6.97 35.15 -16.83
C VAL B 35 5.98 35.61 -17.88
N THR B 36 4.84 34.92 -18.00
CA THR B 36 3.72 35.43 -18.81
C THR B 36 2.62 35.90 -17.88
N ASN B 37 1.49 36.27 -18.45
CA ASN B 37 0.28 36.60 -17.69
C ASN B 37 -0.52 35.32 -17.26
N TYR B 38 -0.07 34.14 -17.70
CA TYR B 38 -0.60 32.85 -17.23
C TYR B 38 0.37 32.05 -16.36
N ARG B 39 1.65 32.03 -16.71
CA ARG B 39 2.57 31.03 -16.19
C ARG B 39 3.98 31.49 -15.91
N LEU B 40 4.70 30.62 -15.20
CA LEU B 40 6.13 30.69 -15.03
C LEU B 40 6.74 29.53 -15.82
N TYR B 41 7.60 29.86 -16.80
CA TYR B 41 8.31 28.85 -17.62
C TYR B 41 9.79 28.97 -17.35
N PHE B 42 10.43 27.83 -17.09
CA PHE B 42 11.88 27.75 -17.06
C PHE B 42 12.27 26.63 -18.00
N LYS B 43 13.25 26.92 -18.86
CA LYS B 43 13.75 25.95 -19.85
C LYS B 43 15.26 26.01 -19.96
N SER B 44 15.86 24.84 -20.14
CA SER B 44 17.30 24.69 -20.18
C SER B 44 17.69 23.76 -21.31
N MET B 45 18.45 24.28 -22.27
CA MET B 45 19.10 23.45 -23.31
C MET B 45 20.43 22.84 -22.85
N GLU B 46 20.84 23.13 -21.61
CA GLU B 46 21.94 22.41 -20.95
C GLU B 46 21.48 21.05 -20.39
N ARG B 47 20.60 20.33 -21.09
CA ARG B 47 20.33 18.94 -20.76
C ARG B 47 19.67 18.22 -21.94
N ASP B 48 19.65 16.89 -21.86
CA ASP B 48 18.77 16.08 -22.69
C ASP B 48 18.11 15.03 -21.80
N PRO B 49 16.78 14.90 -21.83
CA PRO B 49 15.88 15.80 -22.57
C PRO B 49 15.85 17.16 -21.86
N PRO B 50 15.69 18.28 -22.61
CA PRO B 50 15.70 19.63 -22.01
C PRO B 50 14.90 19.73 -20.71
N PHE B 51 15.48 20.37 -19.70
CA PHE B 51 14.84 20.52 -18.40
C PHE B 51 13.80 21.64 -18.46
N VAL B 52 12.54 21.26 -18.27
CA VAL B 52 11.40 22.16 -18.42
C VAL B 52 10.59 22.25 -17.12
N LEU B 53 10.27 23.49 -16.75
CA LEU B 53 9.48 23.78 -15.57
C LEU B 53 8.29 24.67 -15.99
N ASP B 54 7.15 24.03 -16.20
CA ASP B 54 5.96 24.68 -16.76
C ASP B 54 4.88 24.77 -15.68
N ALA B 55 4.84 25.90 -14.98
CA ALA B 55 3.94 26.07 -13.83
C ALA B 55 3.08 27.32 -13.95
N SER B 56 1.76 27.16 -13.97
CA SER B 56 0.84 28.32 -13.98
C SER B 56 1.04 29.19 -12.73
N LEU B 57 0.78 30.47 -12.86
CA LEU B 57 0.99 31.40 -11.75
C LEU B 57 -0.02 31.14 -10.62
N GLY B 58 -1.21 30.68 -11.00
CA GLY B 58 -2.22 30.24 -10.04
C GLY B 58 -1.82 29.23 -8.97
N VAL B 59 -0.86 28.33 -9.25
CA VAL B 59 -0.30 27.44 -8.21
C VAL B 59 0.66 28.10 -7.23
N ILE B 60 1.07 29.36 -7.46
CA ILE B 60 2.00 30.06 -6.55
C ILE B 60 1.28 30.59 -5.31
N ASN B 61 1.77 30.19 -4.13
CA ASN B 61 1.20 30.59 -2.83
C ASN B 61 1.96 31.78 -2.23
N ARG B 62 3.30 31.80 -2.38
CA ARG B 62 4.19 32.86 -1.87
C ARG B 62 5.41 33.00 -2.74
N VAL B 63 5.90 34.23 -2.87
CA VAL B 63 7.18 34.53 -3.52
C VAL B 63 8.12 35.13 -2.46
N GLU B 64 9.19 34.43 -2.11
CA GLU B 64 10.15 34.91 -1.11
C GLU B 64 11.52 35.27 -1.73
N LYS B 65 12.06 36.42 -1.31
CA LYS B 65 13.44 36.78 -1.61
C LYS B 65 14.39 35.90 -0.81
N ILE B 66 15.54 35.62 -1.39
CA ILE B 66 16.61 34.86 -0.75
C ILE B 66 17.84 35.78 -0.72
N GLY B 67 17.94 36.64 0.29
CA GLY B 67 19.07 37.58 0.46
C GLY B 67 18.84 38.93 -0.21
N GLY B 68 19.91 39.73 -0.29
CA GLY B 68 19.88 41.06 -0.91
C GLY B 68 19.97 42.17 0.13
N ASN B 75 25.11 29.60 -5.01
CA ASN B 75 23.71 29.85 -5.39
C ASN B 75 22.83 30.22 -4.19
N SER B 76 22.97 31.46 -3.72
CA SER B 76 22.21 31.99 -2.57
C SER B 76 21.77 33.46 -2.74
N TYR B 77 21.47 33.84 -3.99
CA TYR B 77 20.84 35.13 -4.29
C TYR B 77 19.69 34.92 -5.30
N GLY B 78 18.44 34.91 -4.80
CA GLY B 78 17.28 34.71 -5.69
C GLY B 78 15.87 34.63 -5.12
N LEU B 79 15.03 33.82 -5.79
CA LEU B 79 13.58 33.72 -5.55
C LEU B 79 13.19 32.33 -5.10
N GLU B 80 12.31 32.23 -4.11
CA GLU B 80 11.64 30.98 -3.78
C GLU B 80 10.15 31.18 -4.07
N THR B 81 9.51 30.17 -4.65
CA THR B 81 8.07 30.19 -4.85
C THR B 81 7.46 28.95 -4.19
N VAL B 82 6.66 29.14 -3.14
CA VAL B 82 5.94 28.01 -2.51
C VAL B 82 4.70 27.74 -3.35
N CYS B 83 4.57 26.51 -3.86
CA CYS B 83 3.42 26.15 -4.72
C CYS B 83 2.33 25.37 -3.97
N LYS B 84 1.13 25.45 -4.50
CA LYS B 84 -0.06 24.79 -3.96
C LYS B 84 -0.17 23.32 -4.34
N ASP B 85 0.64 22.86 -5.29
CA ASP B 85 0.67 21.44 -5.69
C ASP B 85 1.89 20.73 -5.07
N ILE B 86 2.07 20.90 -3.77
CA ILE B 86 2.95 20.04 -2.99
C ILE B 86 4.42 20.11 -3.53
N ARG B 87 4.93 21.32 -3.71
CA ARG B 87 6.34 21.56 -4.10
C ARG B 87 6.74 23.02 -3.90
N ASN B 88 8.04 23.27 -3.92
CA ASN B 88 8.62 24.61 -3.88
C ASN B 88 9.65 24.68 -5.00
N LEU B 89 9.74 25.81 -5.66
CA LEU B 89 10.74 26.06 -6.68
C LEU B 89 11.63 27.19 -6.18
N ARG B 90 12.93 27.05 -6.34
CA ARG B 90 13.81 28.13 -5.97
C ARG B 90 14.88 28.37 -7.05
N PHE B 91 15.14 29.65 -7.30
CA PHE B 91 15.96 30.13 -8.39
C PHE B 91 17.15 30.98 -7.90
N ALA B 92 18.19 31.08 -8.74
CA ALA B 92 19.34 31.95 -8.48
C ALA B 92 19.65 32.79 -9.72
N HIS B 93 19.97 34.08 -9.49
CA HIS B 93 20.32 35.07 -10.53
C HIS B 93 21.78 35.49 -10.26
N LYS B 94 22.14 36.77 -10.41
CA LYS B 94 23.49 37.26 -10.08
C LYS B 94 23.40 38.61 -9.34
N PRO B 95 24.33 38.89 -8.37
CA PRO B 95 24.37 40.24 -7.74
C PRO B 95 24.67 41.40 -8.72
N GLU B 96 25.52 41.16 -9.73
CA GLU B 96 25.74 42.09 -10.86
C GLU B 96 24.90 41.76 -12.11
N GLY B 97 23.85 40.95 -11.94
CA GLY B 97 22.86 40.66 -12.97
C GLY B 97 21.66 41.60 -12.84
N ARG B 98 21.17 41.77 -11.62
CA ARG B 98 20.06 42.71 -11.28
C ARG B 98 18.70 42.43 -11.99
N THR B 99 18.49 41.18 -12.42
CA THR B 99 17.20 40.72 -12.94
C THR B 99 16.22 40.37 -11.82
N ARG B 100 16.73 40.03 -10.63
CA ARG B 100 15.90 39.55 -9.53
C ARG B 100 14.79 40.53 -9.15
N ARG B 101 15.12 41.83 -9.12
CA ARG B 101 14.12 42.85 -8.78
C ARG B 101 13.06 43.01 -9.89
N SER B 102 13.43 42.70 -11.14
CA SER B 102 12.48 42.67 -12.25
C SER B 102 11.59 41.41 -12.21
N ILE B 103 12.20 40.25 -12.00
CA ILE B 103 11.46 38.97 -11.99
C ILE B 103 10.59 38.81 -10.73
N PHE B 104 11.12 39.18 -9.56
CA PHE B 104 10.36 39.17 -8.30
C PHE B 104 9.08 39.99 -8.43
N GLU B 105 9.25 41.24 -8.88
CA GLU B 105 8.16 42.18 -8.93
C GLU B 105 7.15 41.87 -10.03
N ASN B 106 7.57 41.20 -11.10
CA ASN B 106 6.60 40.76 -12.12
C ASN B 106 5.86 39.49 -11.76
N LEU B 107 6.53 38.52 -11.12
CA LEU B 107 5.84 37.41 -10.46
C LEU B 107 4.83 37.93 -9.43
N MET B 108 5.32 38.67 -8.44
CA MET B 108 4.44 39.30 -7.46
C MET B 108 3.24 40.01 -8.09
N LYS B 109 3.47 40.67 -9.23
CA LYS B 109 2.41 41.33 -9.92
C LYS B 109 1.46 40.31 -10.55
N TYR B 110 1.99 39.44 -11.41
CA TYR B 110 1.13 38.55 -12.22
C TYR B 110 0.68 37.26 -11.51
N ALA B 111 1.34 36.88 -10.42
CA ALA B 111 0.90 35.73 -9.59
C ALA B 111 -0.33 36.01 -8.74
N PHE B 112 -0.56 37.28 -8.46
CA PHE B 112 -1.58 37.69 -7.52
C PHE B 112 -2.50 38.76 -8.10
N PRO B 113 -3.11 38.46 -9.26
CA PRO B 113 -3.99 39.42 -9.89
C PRO B 113 -5.15 39.94 -9.02
N VAL B 114 -5.78 39.10 -8.19
CA VAL B 114 -6.90 39.58 -7.34
C VAL B 114 -6.44 40.56 -6.26
N SER B 115 -5.25 40.32 -5.70
CA SER B 115 -4.62 41.28 -4.78
C SER B 115 -4.18 42.63 -5.42
N ASN B 116 -3.94 42.66 -6.73
CA ASN B 116 -3.39 43.82 -7.44
C ASN B 116 -4.36 44.50 -8.45
N ASN B 117 -5.67 44.34 -8.22
CA ASN B 117 -6.70 44.71 -9.21
C ASN B 117 -6.25 44.50 -10.70
N LEU B 118 -6.11 43.23 -11.07
CA LEU B 118 -5.77 42.80 -12.44
C LEU B 118 -6.70 41.66 -12.81
N PRO B 119 -6.79 41.35 -14.13
CA PRO B 119 -7.69 40.25 -14.51
C PRO B 119 -7.01 38.89 -14.30
N LEU B 120 -7.77 37.92 -13.79
CA LEU B 120 -7.32 36.53 -13.82
C LEU B 120 -7.19 36.08 -15.28
N PHE B 121 -6.24 35.21 -15.55
CA PHE B 121 -5.95 34.81 -16.95
C PHE B 121 -7.10 34.10 -17.66
N ALA B 122 -7.98 33.46 -16.90
CA ALA B 122 -9.24 32.90 -17.43
C ALA B 122 -10.00 33.88 -18.33
N PHE B 123 -9.93 35.15 -17.97
CA PHE B 123 -10.59 36.24 -18.70
C PHE B 123 -9.85 36.65 -19.96
N GLU B 124 -8.55 36.37 -20.02
CA GLU B 124 -7.79 36.71 -21.21
C GLU B 124 -7.62 35.52 -22.17
N TYR B 125 -7.97 34.30 -21.74
CA TYR B 125 -7.78 33.08 -22.54
C TYR B 125 -8.77 33.02 -23.71
N LYS B 126 -8.29 33.04 -24.97
CA LYS B 126 -9.21 33.01 -26.15
C LYS B 126 -9.06 31.79 -27.09
N GLU B 127 -8.64 30.65 -26.55
CA GLU B 127 -8.74 29.36 -27.25
C GLU B 127 -10.22 29.00 -27.46
N VAL B 128 -10.51 28.30 -28.56
CA VAL B 128 -11.85 27.80 -28.87
C VAL B 128 -11.82 26.27 -28.86
N PHE B 129 -12.92 25.66 -28.44
CA PHE B 129 -13.08 24.20 -28.38
C PHE B 129 -14.38 23.73 -29.08
N PRO B 130 -14.41 22.48 -29.56
CA PRO B 130 -15.57 21.90 -30.27
C PRO B 130 -16.92 21.85 -29.53
N GLU B 131 -16.87 21.72 -28.21
CA GLU B 131 -18.05 21.68 -27.37
C GLU B 131 -17.94 22.85 -26.43
N ASN B 132 -19.09 23.35 -25.98
CA ASN B 132 -19.12 24.30 -24.89
C ASN B 132 -19.47 23.58 -23.58
N GLY B 133 -18.45 23.35 -22.74
CA GLY B 133 -18.59 22.74 -21.41
C GLY B 133 -19.54 23.48 -20.48
N TRP B 134 -19.71 24.78 -20.67
CA TRP B 134 -20.77 25.57 -19.96
C TRP B 134 -22.23 25.16 -20.29
N LYS B 135 -22.47 24.49 -21.42
CA LYS B 135 -23.81 23.97 -21.79
C LYS B 135 -23.97 22.47 -21.44
N LEU B 136 -23.01 21.88 -20.71
CA LEU B 136 -23.02 20.44 -20.44
C LEU B 136 -23.92 20.08 -19.26
N TYR B 137 -23.91 20.90 -18.21
CA TYR B 137 -24.85 20.77 -17.12
C TYR B 137 -26.07 21.66 -17.39
N ASP B 138 -27.21 21.03 -17.59
CA ASP B 138 -28.49 21.70 -17.66
C ASP B 138 -29.30 21.18 -16.44
N PRO B 139 -29.49 22.03 -15.41
CA PRO B 139 -30.21 21.64 -14.19
C PRO B 139 -31.50 20.89 -14.46
N LEU B 140 -32.22 21.34 -15.47
CA LEU B 140 -33.52 20.80 -15.83
C LEU B 140 -33.39 19.38 -16.44
N LEU B 141 -32.38 19.17 -17.30
CA LEU B 141 -32.17 17.88 -17.93
C LEU B 141 -31.67 16.81 -16.98
N GLU B 142 -30.83 17.21 -16.01
CA GLU B 142 -30.27 16.26 -15.04
C GLU B 142 -31.37 15.74 -14.15
N TYR B 143 -32.23 16.63 -13.69
CA TYR B 143 -33.44 16.22 -12.95
C TYR B 143 -34.34 15.30 -13.78
N ARG B 144 -34.50 15.59 -15.07
CA ARG B 144 -35.27 14.74 -15.99
C ARG B 144 -34.66 13.34 -16.11
N ARG B 145 -33.33 13.28 -16.24
CA ARG B 145 -32.60 11.99 -16.22
C ARG B 145 -32.93 11.16 -14.97
N GLN B 146 -33.13 11.84 -13.84
CA GLN B 146 -33.53 11.21 -12.60
C GLN B 146 -35.04 10.96 -12.46
N GLY B 147 -35.86 11.60 -13.30
CA GLY B 147 -37.33 11.44 -13.25
C GLY B 147 -38.05 12.48 -12.43
N ILE B 148 -37.57 13.72 -12.51
CA ILE B 148 -38.04 14.87 -11.74
C ILE B 148 -38.31 16.02 -12.74
N PRO B 149 -39.41 16.77 -12.63
CA PRO B 149 -40.45 16.61 -11.59
C PRO B 149 -41.24 15.32 -11.66
N ASN B 150 -41.97 15.09 -10.60
CA ASN B 150 -42.90 13.98 -10.56
C ASN B 150 -43.99 14.35 -9.56
N GLU B 151 -44.72 13.38 -9.03
CA GLU B 151 -45.87 13.64 -8.16
C GLU B 151 -45.43 14.08 -6.75
N SER B 152 -44.30 13.58 -6.27
CA SER B 152 -43.79 13.95 -4.94
C SER B 152 -42.79 15.11 -4.93
N TRP B 153 -42.23 15.47 -6.09
CA TRP B 153 -41.14 16.47 -6.16
C TRP B 153 -41.37 17.44 -7.31
N ARG B 154 -41.45 18.73 -6.97
CA ARG B 154 -41.71 19.80 -7.95
C ARG B 154 -40.53 20.75 -8.02
N ILE B 155 -40.36 21.38 -9.19
CA ILE B 155 -39.38 22.46 -9.32
C ILE B 155 -40.02 23.79 -8.95
N THR B 156 -39.49 24.44 -7.93
CA THR B 156 -39.85 25.81 -7.60
C THR B 156 -38.97 26.78 -8.35
N LYS B 157 -39.51 27.96 -8.62
CA LYS B 157 -38.79 29.06 -9.22
C LYS B 157 -38.55 30.19 -8.21
N ILE B 158 -38.89 29.94 -6.94
CA ILE B 158 -38.76 30.96 -5.88
C ILE B 158 -37.37 31.60 -5.77
N ASN B 159 -36.34 30.88 -6.19
CA ASN B 159 -34.94 31.28 -5.99
C ASN B 159 -34.26 31.69 -7.30
N GLU B 160 -35.03 31.97 -8.37
CA GLU B 160 -34.46 32.29 -9.68
C GLU B 160 -33.78 33.66 -9.72
N ARG B 161 -34.14 34.52 -8.78
CA ARG B 161 -33.46 35.80 -8.49
C ARG B 161 -32.58 35.74 -7.21
N TYR B 162 -32.25 34.53 -6.73
CA TYR B 162 -31.45 34.33 -5.54
C TYR B 162 -31.99 34.95 -4.23
N GLU B 163 -33.32 35.06 -4.11
CA GLU B 163 -33.93 35.82 -3.00
C GLU B 163 -34.12 34.99 -1.72
N LEU B 164 -34.47 33.72 -1.87
CA LEU B 164 -34.52 32.75 -0.76
C LEU B 164 -33.16 32.43 -0.08
N CYS B 165 -32.12 32.25 -0.90
CA CYS B 165 -30.84 31.67 -0.49
C CYS B 165 -29.75 31.99 -1.50
N ASP B 166 -28.96 33.01 -1.22
CA ASP B 166 -28.06 33.56 -2.22
C ASP B 166 -26.80 32.74 -2.54
N THR B 167 -26.63 31.58 -1.90
CA THR B 167 -25.52 30.64 -2.22
C THR B 167 -26.01 29.28 -2.79
N TYR B 168 -27.24 29.27 -3.33
CA TYR B 168 -27.85 28.10 -3.98
C TYR B 168 -28.07 28.41 -5.46
N PRO B 169 -28.51 27.40 -6.26
CA PRO B 169 -28.86 27.65 -7.67
C PRO B 169 -30.26 28.20 -7.82
N ALA B 170 -30.57 28.66 -9.04
CA ALA B 170 -31.85 29.28 -9.38
C ALA B 170 -33.00 28.33 -9.17
N LEU B 171 -32.89 27.15 -9.77
CA LEU B 171 -33.93 26.14 -9.67
C LEU B 171 -33.64 25.25 -8.48
N LEU B 172 -34.63 25.12 -7.60
CA LEU B 172 -34.58 24.21 -6.47
C LEU B 172 -35.67 23.18 -6.61
N VAL B 173 -35.34 21.92 -6.33
CA VAL B 173 -36.34 20.85 -6.28
C VAL B 173 -36.73 20.66 -4.81
N VAL B 174 -38.03 20.67 -4.55
CA VAL B 174 -38.60 20.58 -3.19
C VAL B 174 -39.81 19.67 -3.24
N PRO B 175 -40.29 19.21 -2.08
CA PRO B 175 -41.47 18.33 -2.12
C PRO B 175 -42.74 19.04 -2.63
N ALA B 176 -43.52 18.32 -3.43
CA ALA B 176 -44.58 18.88 -4.26
C ALA B 176 -45.65 19.60 -3.45
N ASN B 177 -46.01 19.02 -2.31
CA ASN B 177 -47.04 19.60 -1.47
C ASN B 177 -46.58 20.78 -0.61
N ILE B 178 -45.27 21.06 -0.53
CA ILE B 178 -44.79 22.26 0.18
C ILE B 178 -44.79 23.43 -0.81
N PRO B 179 -45.55 24.49 -0.52
CA PRO B 179 -45.64 25.64 -1.40
C PRO B 179 -44.59 26.71 -1.05
N ASP B 180 -44.43 27.69 -1.94
CA ASP B 180 -43.39 28.72 -1.83
C ASP B 180 -43.41 29.59 -0.56
N GLU B 181 -44.56 29.78 0.07
CA GLU B 181 -44.62 30.64 1.25
C GLU B 181 -44.06 29.94 2.51
N GLU B 182 -44.14 28.62 2.53
CA GLU B 182 -43.57 27.81 3.61
C GLU B 182 -42.03 27.71 3.46
N LEU B 183 -41.51 27.71 2.23
CA LEU B 183 -40.06 27.68 2.00
C LEU B 183 -39.36 28.89 2.59
N LYS B 184 -39.97 30.07 2.41
CA LYS B 184 -39.47 31.32 3.02
C LYS B 184 -39.24 31.23 4.55
N ARG B 185 -40.12 30.50 5.23
CA ARG B 185 -40.06 30.37 6.68
C ARG B 185 -39.05 29.32 7.10
N VAL B 186 -38.98 28.23 6.33
CA VAL B 186 -37.92 27.20 6.45
C VAL B 186 -36.52 27.79 6.20
N ALA B 187 -36.37 28.68 5.20
CA ALA B 187 -35.11 29.42 4.99
C ALA B 187 -34.65 30.22 6.20
N SER B 188 -35.58 30.72 7.00
CA SER B 188 -35.25 31.47 8.23
C SER B 188 -34.73 30.61 9.37
N PHE B 189 -35.04 29.32 9.31
CA PHE B 189 -34.60 28.37 10.33
C PHE B 189 -33.35 27.61 9.90
N ARG B 190 -33.02 27.58 8.61
CA ARG B 190 -31.78 26.96 8.12
C ARG B 190 -30.71 27.99 7.85
N SER B 191 -29.57 27.84 8.52
CA SER B 191 -28.44 28.76 8.39
C SER B 191 -28.20 29.17 6.94
N ARG B 192 -28.16 30.48 6.71
CA ARG B 192 -27.92 31.07 5.40
C ARG B 192 -29.00 30.70 4.37
N GLY B 193 -30.19 30.34 4.84
CA GLY B 193 -31.28 29.95 3.94
C GLY B 193 -31.06 28.66 3.18
N ARG B 194 -30.05 27.88 3.56
CA ARG B 194 -29.69 26.67 2.79
C ARG B 194 -30.62 25.52 3.21
N ILE B 195 -31.81 25.52 2.59
CA ILE B 195 -32.92 24.63 2.96
C ILE B 195 -32.68 23.25 2.34
N PRO B 196 -33.35 22.20 2.83
CA PRO B 196 -33.13 20.88 2.25
C PRO B 196 -33.74 20.76 0.88
N VAL B 197 -32.90 20.49 -0.12
CA VAL B 197 -33.33 20.41 -1.52
C VAL B 197 -32.75 19.16 -2.11
N LEU B 198 -33.43 18.61 -3.11
CA LEU B 198 -33.11 17.28 -3.63
C LEU B 198 -31.74 17.26 -4.33
N SER B 199 -30.88 16.34 -3.93
CA SER B 199 -29.66 16.05 -4.68
C SER B 199 -29.92 14.93 -5.65
N TRP B 200 -30.47 13.83 -5.15
CA TRP B 200 -30.58 12.61 -5.94
C TRP B 200 -31.74 11.77 -5.45
N ILE B 201 -32.33 11.01 -6.38
CA ILE B 201 -33.46 10.16 -6.07
C ILE B 201 -33.22 8.81 -6.70
N HIS B 202 -33.66 7.76 -5.99
CA HIS B 202 -33.55 6.39 -6.48
C HIS B 202 -34.63 6.09 -7.54
N PRO B 203 -34.23 5.50 -8.70
CA PRO B 203 -35.23 5.26 -9.75
C PRO B 203 -36.28 4.21 -9.35
N GLU B 204 -35.82 3.04 -8.90
CA GLU B 204 -36.72 1.99 -8.41
C GLU B 204 -37.56 2.29 -7.14
N SER B 205 -37.01 3.04 -6.17
CA SER B 205 -37.57 3.11 -4.82
C SER B 205 -38.16 4.47 -4.42
N GLN B 206 -37.80 5.54 -5.13
CA GLN B 206 -38.17 6.93 -4.75
C GLN B 206 -37.58 7.40 -3.39
N ALA B 207 -36.49 6.76 -2.95
CA ALA B 207 -35.74 7.22 -1.80
C ALA B 207 -34.82 8.35 -2.27
N THR B 208 -34.67 9.37 -1.42
CA THR B 208 -33.92 10.55 -1.80
C THR B 208 -32.71 10.85 -0.90
N ILE B 209 -31.69 11.47 -1.50
CA ILE B 209 -30.64 12.21 -0.78
C ILE B 209 -30.98 13.68 -0.99
N THR B 210 -31.33 14.35 0.10
CA THR B 210 -31.56 15.80 0.12
C THR B 210 -30.40 16.40 0.91
N ARG B 211 -30.14 17.71 0.75
CA ARG B 211 -29.05 18.36 1.49
C ARG B 211 -29.38 19.78 1.95
N CYS B 212 -28.83 20.17 3.11
CA CYS B 212 -29.01 21.51 3.67
C CYS B 212 -27.86 21.91 4.60
N SER B 213 -27.96 23.12 5.15
CA SER B 213 -27.17 23.58 6.30
C SER B 213 -27.80 23.14 7.62
N GLN B 214 -27.17 23.53 8.73
CA GLN B 214 -27.68 23.23 10.08
C GLN B 214 -28.93 24.07 10.44
N PRO B 215 -29.84 23.48 11.26
CA PRO B 215 -30.99 24.22 11.77
C PRO B 215 -30.59 25.18 12.88
N MET B 216 -31.19 26.37 12.89
CA MET B 216 -30.85 27.44 13.85
C MET B 216 -31.61 27.24 15.14
N VAL B 217 -31.19 26.22 15.90
CA VAL B 217 -31.77 25.90 17.20
C VAL B 217 -31.27 26.93 18.22
N GLY B 218 -29.96 27.00 18.43
CA GLY B 218 -29.38 27.96 19.38
C GLY B 218 -29.49 27.56 20.85
N VAL B 219 -28.98 28.41 21.74
CA VAL B 219 -28.96 28.11 23.20
C VAL B 219 -30.37 27.72 23.70
N SER B 220 -31.35 28.62 23.56
CA SER B 220 -32.77 28.29 23.76
C SER B 220 -33.17 27.30 22.70
N GLY B 221 -33.87 26.24 23.07
CA GLY B 221 -34.12 25.15 22.10
C GLY B 221 -35.17 25.50 21.07
N LYS B 222 -34.88 26.45 20.17
CA LYS B 222 -35.85 26.96 19.19
C LYS B 222 -36.35 25.90 18.22
N ARG B 223 -37.59 26.06 17.80
CA ARG B 223 -38.22 25.13 16.88
C ARG B 223 -38.89 25.86 15.71
N SER B 224 -39.16 25.08 14.67
CA SER B 224 -39.85 25.57 13.49
C SER B 224 -40.82 24.49 13.03
N LYS B 225 -42.12 24.80 13.12
CA LYS B 225 -43.17 23.87 12.74
C LYS B 225 -43.02 23.53 11.26
N GLU B 226 -42.88 24.57 10.45
CA GLU B 226 -42.77 24.41 8.99
C GLU B 226 -41.52 23.64 8.56
N ASP B 227 -40.42 23.85 9.27
CA ASP B 227 -39.19 23.03 9.08
C ASP B 227 -39.43 21.55 9.42
N GLU B 228 -40.00 21.30 10.59
CA GLU B 228 -40.37 19.95 11.03
C GLU B 228 -41.28 19.26 10.02
N LYS B 229 -42.29 20.00 9.56
CA LYS B 229 -43.26 19.47 8.60
C LYS B 229 -42.66 19.37 7.20
N TYR B 230 -41.67 20.23 6.90
CA TYR B 230 -40.86 20.08 5.67
C TYR B 230 -40.17 18.71 5.61
N LEU B 231 -39.48 18.33 6.71
CA LEU B 231 -38.82 17.00 6.79
C LEU B 231 -39.79 15.84 6.74
N GLN B 232 -40.97 16.03 7.35
CA GLN B 232 -42.05 15.07 7.23
C GLN B 232 -42.47 14.89 5.78
N ALA B 233 -42.59 15.99 5.06
CA ALA B 233 -42.91 15.97 3.63
C ALA B 233 -41.90 15.13 2.83
N ILE B 234 -40.61 15.28 3.12
CA ILE B 234 -39.56 14.47 2.48
C ILE B 234 -39.82 12.98 2.75
N MET B 235 -40.11 12.65 4.01
CA MET B 235 -40.40 11.27 4.42
C MET B 235 -41.67 10.73 3.75
N ASP B 236 -42.70 11.57 3.72
CA ASP B 236 -43.99 11.25 3.07
C ASP B 236 -43.85 10.98 1.57
N SER B 237 -42.85 11.59 0.92
CA SER B 237 -42.59 11.38 -0.51
C SER B 237 -42.08 9.99 -0.86
N ASN B 238 -41.44 9.32 0.12
CA ASN B 238 -40.93 7.94 -0.05
C ASN B 238 -42.06 6.91 0.12
N ALA B 239 -42.12 5.93 -0.78
CA ALA B 239 -43.18 4.90 -0.80
C ALA B 239 -43.24 4.12 0.53
N GLN B 240 -42.24 3.25 0.76
CA GLN B 240 -42.06 2.61 2.06
C GLN B 240 -41.63 3.66 3.08
N SER B 241 -42.59 4.43 3.59
CA SER B 241 -42.31 5.58 4.47
C SER B 241 -41.82 5.11 5.85
N HIS B 242 -40.67 4.45 5.84
CA HIS B 242 -40.05 3.82 7.01
C HIS B 242 -39.93 4.81 8.18
N LYS B 243 -39.08 5.80 7.92
CA LYS B 243 -38.39 6.61 8.92
C LYS B 243 -37.46 7.45 8.04
N ILE B 244 -37.06 8.63 8.50
CA ILE B 244 -36.12 9.47 7.75
C ILE B 244 -34.81 9.53 8.54
N PHE B 245 -33.67 9.49 7.85
CA PHE B 245 -32.35 9.62 8.51
C PHE B 245 -31.76 11.00 8.22
N ILE B 246 -31.08 11.55 9.21
CA ILE B 246 -30.38 12.81 9.07
C ILE B 246 -28.92 12.53 9.41
N PHE B 247 -28.05 12.63 8.42
CA PHE B 247 -26.60 12.47 8.63
C PHE B 247 -25.98 13.83 8.79
N ASP B 248 -25.61 14.17 10.03
CA ASP B 248 -24.83 15.37 10.31
C ASP B 248 -23.34 15.01 10.11
N ALA B 249 -22.63 15.76 9.27
CA ALA B 249 -21.22 15.41 8.97
C ALA B 249 -20.30 15.50 10.19
N ARG B 250 -20.64 16.38 11.12
CA ARG B 250 -19.71 16.83 12.15
C ARG B 250 -19.60 15.83 13.28
N PRO B 251 -18.51 15.92 14.06
CA PRO B 251 -18.55 15.18 15.31
C PRO B 251 -19.65 15.76 16.19
N SER B 252 -20.15 14.93 17.11
CA SER B 252 -21.11 15.38 18.11
C SER B 252 -20.64 16.65 18.85
N VAL B 253 -19.45 16.62 19.42
CA VAL B 253 -18.97 17.78 20.19
C VAL B 253 -18.94 19.12 19.42
N ASN B 254 -18.63 19.06 18.11
CA ASN B 254 -18.63 20.24 17.25
C ASN B 254 -20.06 20.76 17.00
N ALA B 255 -21.02 19.86 16.83
CA ALA B 255 -22.45 20.24 16.67
C ALA B 255 -23.04 20.90 17.93
N VAL B 256 -22.64 20.41 19.09
CA VAL B 256 -23.04 21.01 20.38
C VAL B 256 -22.41 22.40 20.58
N ALA B 257 -21.15 22.57 20.19
CA ALA B 257 -20.51 23.89 20.22
C ALA B 257 -21.19 24.86 19.24
N ASN B 258 -21.68 24.31 18.13
CA ASN B 258 -22.47 25.10 17.18
C ASN B 258 -23.77 25.57 17.82
N LYS B 259 -24.45 24.67 18.55
CA LYS B 259 -25.72 25.01 19.22
C LYS B 259 -25.55 26.18 20.19
N ALA B 260 -24.47 26.15 20.97
CA ALA B 260 -24.11 27.28 21.85
C ALA B 260 -24.02 28.64 21.14
N LYS B 261 -23.87 28.60 19.82
CA LYS B 261 -23.64 29.76 19.02
C LYS B 261 -24.75 30.08 18.00
N GLY B 262 -25.91 29.45 18.13
CA GLY B 262 -27.07 29.79 17.31
C GLY B 262 -27.51 28.66 16.41
N GLY B 263 -26.58 27.78 16.06
CA GLY B 263 -26.85 26.66 15.16
C GLY B 263 -27.43 25.46 15.90
N GLY B 264 -26.98 24.26 15.55
CA GLY B 264 -27.36 23.07 16.25
C GLY B 264 -27.75 21.97 15.30
N TYR B 265 -28.72 21.16 15.73
CA TYR B 265 -29.07 19.92 15.05
C TYR B 265 -30.52 19.54 15.39
N GLU B 266 -31.05 18.56 14.66
CA GLU B 266 -32.45 18.17 14.80
C GLU B 266 -32.62 17.29 16.03
N SER B 267 -33.31 17.79 17.06
CA SER B 267 -33.55 17.00 18.29
C SER B 267 -34.58 15.92 17.99
N GLU B 268 -34.51 14.82 18.72
CA GLU B 268 -35.52 13.75 18.58
C GLU B 268 -36.90 14.13 19.15
N ASP B 269 -36.95 15.16 20.00
CA ASP B 269 -38.22 15.77 20.43
C ASP B 269 -39.01 16.30 19.25
N ALA B 270 -38.34 17.11 18.43
CA ALA B 270 -38.96 17.93 17.40
C ALA B 270 -39.14 17.25 16.05
N TYR B 271 -38.31 16.26 15.74
CA TYR B 271 -38.32 15.63 14.43
C TYR B 271 -38.64 14.17 14.70
N GLN B 272 -39.87 13.95 15.13
CA GLN B 272 -40.26 12.68 15.76
C GLN B 272 -40.05 11.45 14.91
N ASN B 273 -40.04 11.59 13.58
CA ASN B 273 -39.83 10.46 12.70
C ASN B 273 -38.41 10.37 12.10
N ALA B 274 -37.45 11.01 12.76
CA ALA B 274 -36.07 11.12 12.27
C ALA B 274 -35.03 10.50 13.20
N GLU B 275 -33.98 9.95 12.59
CA GLU B 275 -32.83 9.42 13.28
C GLU B 275 -31.63 10.31 12.90
N LEU B 276 -31.02 10.98 13.87
CA LEU B 276 -29.81 11.75 13.63
C LEU B 276 -28.51 10.95 13.91
N VAL B 277 -27.61 10.89 12.92
CA VAL B 277 -26.29 10.26 13.06
C VAL B 277 -25.20 11.30 12.79
N PHE B 278 -24.21 11.36 13.67
CA PHE B 278 -23.05 12.25 13.52
C PHE B 278 -21.95 11.45 12.84
N LEU B 279 -21.24 12.04 11.85
CA LEU B 279 -20.24 11.27 11.06
C LEU B 279 -18.80 11.53 11.41
N ASP B 280 -18.58 12.39 12.41
CA ASP B 280 -17.25 12.61 12.98
C ASP B 280 -16.23 13.07 11.95
N ILE B 281 -16.69 13.97 11.07
CA ILE B 281 -15.85 14.61 10.04
C ILE B 281 -15.52 16.03 10.47
N HIS B 282 -14.22 16.28 10.62
CA HIS B 282 -13.74 17.53 11.18
C HIS B 282 -13.79 18.68 10.21
N ASN B 283 -13.60 19.88 10.75
CA ASN B 283 -13.74 21.12 10.02
C ASN B 283 -12.51 21.52 9.18
N ILE B 284 -12.70 22.60 8.40
CA ILE B 284 -11.74 22.97 7.35
C ILE B 284 -10.33 23.24 7.83
N HIS B 285 -10.22 23.76 9.05
CA HIS B 285 -8.92 24.17 9.60
C HIS B 285 -8.13 22.91 9.92
N VAL B 286 -8.82 21.86 10.38
CA VAL B 286 -8.19 20.57 10.67
C VAL B 286 -7.64 19.96 9.41
N MET B 287 -8.47 19.94 8.38
CA MET B 287 -8.05 19.41 7.09
C MET B 287 -6.89 20.16 6.48
N ARG B 288 -6.85 21.48 6.70
CA ARG B 288 -5.78 22.29 6.15
C ARG B 288 -4.49 21.89 6.82
N GLU B 289 -4.54 21.75 8.14
CA GLU B 289 -3.38 21.38 8.93
C GLU B 289 -2.90 19.99 8.55
N SER B 290 -3.83 19.08 8.38
CA SER B 290 -3.51 17.71 7.96
C SER B 290 -2.69 17.70 6.66
N LEU B 291 -3.14 18.41 5.61
CA LEU B 291 -2.38 18.51 4.33
C LEU B 291 -1.04 19.19 4.46
N ARG B 292 -0.95 20.14 5.40
CA ARG B 292 0.27 20.88 5.64
C ARG B 292 1.34 19.95 6.22
N LYS B 293 0.93 19.14 7.20
CA LYS B 293 1.76 18.11 7.76
C LYS B 293 2.17 17.10 6.68
N LEU B 294 1.24 16.69 5.83
CA LEU B 294 1.54 15.78 4.74
C LEU B 294 2.50 16.37 3.71
N LYS B 295 2.34 17.64 3.35
CA LYS B 295 3.32 18.31 2.47
C LYS B 295 4.75 18.26 3.08
N GLU B 296 4.85 18.44 4.40
CA GLU B 296 6.15 18.51 5.07
C GLU B 296 6.97 17.24 4.98
N ILE B 297 6.32 16.07 5.02
CA ILE B 297 7.02 14.76 5.11
C ILE B 297 7.24 14.13 3.76
N VAL B 298 6.57 14.68 2.77
CA VAL B 298 6.54 14.15 1.41
C VAL B 298 7.48 14.93 0.46
N TYR B 299 7.74 16.20 0.75
CA TYR B 299 8.55 17.09 -0.10
C TYR B 299 9.56 17.91 0.75
N PRO B 300 10.85 18.01 0.35
CA PRO B 300 11.39 17.46 -0.93
C PRO B 300 11.75 15.99 -0.85
N ASN B 301 12.32 15.58 0.29
CA ASN B 301 12.83 14.22 0.51
C ASN B 301 12.09 13.49 1.63
N ILE B 302 11.69 12.24 1.36
CA ILE B 302 11.00 11.39 2.34
C ILE B 302 11.99 10.65 3.26
N GLU B 303 11.91 10.93 4.57
CA GLU B 303 12.62 10.15 5.59
C GLU B 303 12.02 8.74 5.76
N GLU B 304 12.71 7.77 5.16
CA GLU B 304 12.21 6.40 4.99
C GLU B 304 11.93 5.60 6.28
N THR B 305 12.76 5.74 7.32
CA THR B 305 12.67 4.85 8.49
C THR B 305 11.44 5.11 9.36
N HIS B 306 10.98 6.35 9.40
CA HIS B 306 9.77 6.74 10.15
C HIS B 306 8.63 7.10 9.19
N TRP B 307 8.65 6.56 7.97
CA TRP B 307 7.66 6.92 6.94
C TRP B 307 6.22 6.65 7.36
N LEU B 308 5.94 5.42 7.81
CA LEU B 308 4.58 5.02 8.18
C LEU B 308 4.03 5.84 9.33
N SER B 309 4.85 6.08 10.37
CA SER B 309 4.33 6.77 11.55
C SER B 309 4.18 8.29 11.29
N ASN B 310 5.10 8.86 10.52
CA ASN B 310 4.94 10.24 10.07
C ASN B 310 3.63 10.41 9.28
N LEU B 311 3.38 9.54 8.32
CA LEU B 311 2.10 9.53 7.60
C LEU B 311 0.90 9.42 8.53
N GLU B 312 0.97 8.56 9.54
CA GLU B 312 -0.14 8.43 10.50
C GLU B 312 -0.40 9.73 11.25
N SER B 313 0.67 10.46 11.57
CA SER B 313 0.57 11.64 12.41
C SER B 313 0.01 12.86 11.64
N THR B 314 -0.01 12.78 10.31
CA THR B 314 -0.72 13.77 9.50
C THR B 314 -2.23 13.60 9.63
N HIS B 315 -2.68 12.37 9.85
CA HIS B 315 -4.10 11.98 9.87
C HIS B 315 -4.80 12.09 8.51
N TRP B 316 -4.04 12.39 7.45
CA TRP B 316 -4.63 12.58 6.13
C TRP B 316 -5.53 11.41 5.78
N LEU B 317 -5.03 10.17 5.97
CA LEU B 317 -5.79 8.96 5.60
C LEU B 317 -6.93 8.63 6.54
N GLU B 318 -6.86 9.05 7.79
CA GLU B 318 -7.96 8.94 8.74
C GLU B 318 -9.15 9.82 8.28
N HIS B 319 -8.85 10.98 7.72
CA HIS B 319 -9.89 11.90 7.31
C HIS B 319 -10.55 11.36 6.08
N ILE B 320 -9.72 10.89 5.15
CA ILE B 320 -10.18 10.25 3.93
C ILE B 320 -11.07 9.05 4.27
N LYS B 321 -10.65 8.25 5.24
CA LYS B 321 -11.45 7.13 5.72
C LYS B 321 -12.85 7.53 6.20
N LEU B 322 -12.89 8.50 7.11
CA LEU B 322 -14.16 8.95 7.69
C LEU B 322 -15.12 9.51 6.64
N ILE B 323 -14.57 10.27 5.70
CA ILE B 323 -15.36 10.87 4.63
C ILE B 323 -16.02 9.79 3.78
N LEU B 324 -15.22 8.83 3.28
CA LEU B 324 -15.77 7.70 2.50
C LEU B 324 -16.72 6.80 3.31
N ALA B 325 -16.39 6.60 4.59
CA ALA B 325 -17.24 5.84 5.52
C ALA B 325 -18.60 6.52 5.68
N GLY B 326 -18.58 7.85 5.76
CA GLY B 326 -19.83 8.62 5.82
C GLY B 326 -20.66 8.49 4.56
N ALA B 327 -20.00 8.53 3.40
CA ALA B 327 -20.68 8.41 2.11
C ALA B 327 -21.28 7.01 1.98
N LEU B 328 -20.47 6.01 2.32
CA LEU B 328 -20.89 4.60 2.45
C LEU B 328 -22.16 4.39 3.29
N ARG B 329 -22.23 5.04 4.44
CA ARG B 329 -23.41 4.87 5.29
C ARG B 329 -24.66 5.47 4.65
N ILE B 330 -24.51 6.65 4.04
CA ILE B 330 -25.61 7.30 3.33
C ILE B 330 -26.02 6.44 2.15
N ALA B 331 -25.06 5.91 1.39
CA ALA B 331 -25.35 5.11 0.19
C ALA B 331 -26.09 3.85 0.54
N ASP B 332 -25.54 3.13 1.52
CA ASP B 332 -26.16 1.95 2.07
C ASP B 332 -27.59 2.20 2.58
N LYS B 333 -27.82 3.30 3.30
CA LYS B 333 -29.15 3.60 3.82
C LYS B 333 -30.21 3.85 2.74
N VAL B 334 -29.79 4.38 1.59
CA VAL B 334 -30.68 4.60 0.45
C VAL B 334 -30.90 3.30 -0.34
N GLU B 335 -29.81 2.59 -0.64
CA GLU B 335 -29.85 1.42 -1.53
C GLU B 335 -30.46 0.20 -0.85
N SER B 336 -29.89 -0.16 0.29
CA SER B 336 -30.32 -1.34 1.03
C SER B 336 -31.57 -1.02 1.85
N GLY B 337 -31.47 -0.01 2.70
CA GLY B 337 -32.57 0.39 3.55
C GLY B 337 -33.77 1.08 2.89
N LYS B 338 -33.71 1.38 1.59
CA LYS B 338 -34.83 2.04 0.87
C LYS B 338 -35.33 3.33 1.53
N THR B 339 -34.48 3.94 2.35
CA THR B 339 -34.85 5.05 3.25
C THR B 339 -34.28 6.38 2.74
N SER B 340 -35.04 7.46 2.89
CA SER B 340 -34.59 8.78 2.48
C SER B 340 -33.68 9.32 3.56
N VAL B 341 -32.72 10.15 3.14
CA VAL B 341 -31.73 10.73 4.05
C VAL B 341 -31.58 12.22 3.77
N VAL B 342 -31.14 12.92 4.79
CA VAL B 342 -30.96 14.34 4.76
C VAL B 342 -29.55 14.54 5.26
N VAL B 343 -28.70 15.16 4.44
CA VAL B 343 -27.31 15.38 4.77
C VAL B 343 -27.12 16.85 5.10
N HIS B 344 -26.57 17.14 6.28
CA HIS B 344 -26.10 18.50 6.56
C HIS B 344 -24.81 18.49 7.35
N SER B 345 -24.22 19.67 7.42
CA SER B 345 -22.98 19.89 8.16
C SER B 345 -23.20 21.18 8.97
N SER B 346 -22.28 22.16 8.99
CA SER B 346 -22.61 23.44 9.63
C SER B 346 -23.28 24.32 8.60
N ASP B 347 -22.52 24.69 7.58
CA ASP B 347 -23.01 25.50 6.45
C ASP B 347 -23.56 24.72 5.27
N GLY B 348 -23.45 23.40 5.32
CA GLY B 348 -23.90 22.56 4.21
C GLY B 348 -23.25 22.82 2.86
N TRP B 349 -22.02 23.30 2.83
CA TRP B 349 -21.31 23.51 1.55
C TRP B 349 -19.89 22.90 1.37
N ASP B 350 -19.27 22.34 2.44
CA ASP B 350 -17.94 21.66 2.40
C ASP B 350 -18.09 20.13 2.60
N ARG B 351 -18.30 19.73 3.84
CA ARG B 351 -18.45 18.33 4.16
C ARG B 351 -19.65 17.71 3.44
N THR B 352 -20.75 18.45 3.33
CA THR B 352 -21.98 17.98 2.66
C THR B 352 -21.76 17.65 1.18
N ALA B 353 -21.07 18.55 0.48
CA ALA B 353 -20.70 18.35 -0.94
C ALA B 353 -19.87 17.09 -1.10
N GLN B 354 -18.92 16.89 -0.18
CA GLN B 354 -18.13 15.67 -0.14
C GLN B 354 -19.01 14.46 0.01
N LEU B 355 -19.92 14.54 1.00
CA LEU B 355 -20.80 13.40 1.32
C LEU B 355 -21.82 13.09 0.24
N THR B 356 -22.55 14.09 -0.29
CA THR B 356 -23.57 13.77 -1.29
C THR B 356 -22.94 13.31 -2.59
N SER B 357 -21.97 14.08 -3.09
CA SER B 357 -21.34 13.69 -4.33
C SER B 357 -20.67 12.32 -4.26
N LEU B 358 -20.11 11.92 -3.13
CA LEU B 358 -19.48 10.59 -3.03
C LEU B 358 -20.55 9.49 -2.94
N ALA B 359 -21.55 9.67 -2.10
CA ALA B 359 -22.70 8.76 -2.10
C ALA B 359 -23.27 8.60 -3.51
N MET B 360 -23.46 9.72 -4.22
CA MET B 360 -24.05 9.72 -5.58
C MET B 360 -23.18 8.95 -6.57
N LEU B 361 -21.85 9.04 -6.44
CA LEU B 361 -20.96 8.21 -7.26
C LEU B 361 -21.14 6.75 -6.96
N MET B 362 -21.40 6.40 -5.71
CA MET B 362 -21.60 5.00 -5.37
C MET B 362 -22.92 4.50 -5.97
N LEU B 363 -23.94 5.33 -5.88
CA LEU B 363 -25.28 4.91 -6.24
C LEU B 363 -25.61 4.87 -7.75
N ASP B 364 -24.94 5.71 -8.56
CA ASP B 364 -25.38 5.99 -9.94
C ASP B 364 -24.20 6.02 -10.87
N GLY B 365 -24.17 5.07 -11.81
CA GLY B 365 -23.04 4.89 -12.73
C GLY B 365 -22.91 5.98 -13.77
N TYR B 366 -23.98 6.73 -13.97
CA TYR B 366 -23.94 7.88 -14.86
C TYR B 366 -22.75 8.79 -14.43
N TYR B 367 -22.67 9.08 -13.13
CA TYR B 367 -21.63 9.97 -12.58
C TYR B 367 -20.19 9.39 -12.67
N ARG B 368 -20.08 8.10 -12.98
CA ARG B 368 -18.78 7.47 -13.23
C ARG B 368 -18.29 7.63 -14.67
N THR B 369 -19.14 8.15 -15.55
CA THR B 369 -18.73 8.48 -16.89
C THR B 369 -18.07 9.84 -16.85
N ILE B 370 -17.07 10.06 -17.68
CA ILE B 370 -16.44 11.38 -17.81
C ILE B 370 -17.51 12.49 -17.90
N ARG B 371 -18.38 12.46 -18.89
CA ARG B 371 -19.49 13.41 -18.97
C ARG B 371 -20.34 13.53 -17.71
N GLY B 372 -20.67 12.41 -17.09
CA GLY B 372 -21.43 12.42 -15.86
C GLY B 372 -20.69 13.01 -14.65
N PHE B 373 -19.38 12.83 -14.59
CA PHE B 373 -18.56 13.40 -13.52
C PHE B 373 -18.54 14.90 -13.63
N GLU B 374 -18.43 15.38 -14.86
CA GLU B 374 -18.39 16.83 -15.15
C GLU B 374 -19.74 17.37 -14.67
N VAL B 375 -20.83 16.63 -14.88
CA VAL B 375 -22.12 17.03 -14.35
C VAL B 375 -22.13 16.99 -12.83
N LEU B 376 -21.57 15.94 -12.23
CA LEU B 376 -21.58 15.80 -10.77
C LEU B 376 -20.95 16.96 -10.06
N VAL B 377 -19.78 17.36 -10.53
CA VAL B 377 -19.05 18.51 -9.98
C VAL B 377 -19.83 19.81 -10.21
N GLU B 378 -20.32 20.03 -11.43
CA GLU B 378 -21.09 21.24 -11.75
C GLU B 378 -22.30 21.37 -10.85
N LYS B 379 -23.02 20.26 -10.68
CA LYS B 379 -24.21 20.23 -9.87
C LYS B 379 -23.93 20.43 -8.37
N GLU B 380 -23.17 19.51 -7.77
CA GLU B 380 -23.06 19.43 -6.30
C GLU B 380 -21.97 20.33 -5.69
N TRP B 381 -21.00 20.73 -6.49
CA TRP B 381 -19.90 21.56 -5.99
C TRP B 381 -20.09 23.00 -6.40
N LEU B 382 -20.21 23.23 -7.70
CA LEU B 382 -20.38 24.58 -8.24
C LEU B 382 -21.78 25.15 -8.00
N SER B 383 -22.81 24.43 -8.46
CA SER B 383 -24.16 24.98 -8.37
C SER B 383 -24.63 25.18 -6.90
N PHE B 384 -24.28 24.25 -6.03
CA PHE B 384 -24.72 24.25 -4.63
C PHE B 384 -23.89 25.15 -3.69
N GLY B 385 -22.87 25.82 -4.20
CA GLY B 385 -22.29 26.97 -3.49
C GLY B 385 -21.05 26.71 -2.66
N HIS B 386 -20.26 25.71 -3.05
CA HIS B 386 -18.92 25.55 -2.49
C HIS B 386 -18.07 26.76 -2.85
N ARG B 387 -17.37 27.29 -1.86
CA ARG B 387 -16.74 28.61 -1.97
C ARG B 387 -15.32 28.53 -2.48
N PHE B 388 -15.15 28.22 -3.77
CA PHE B 388 -13.82 27.86 -4.30
C PHE B 388 -12.81 29.00 -4.22
N GLN B 389 -13.24 30.23 -4.54
CA GLN B 389 -12.39 31.42 -4.46
C GLN B 389 -11.77 31.58 -3.09
N LEU B 390 -12.57 31.41 -2.05
CA LEU B 390 -12.10 31.50 -0.64
C LEU B 390 -11.26 30.29 -0.21
N ARG B 391 -11.73 29.08 -0.57
CA ARG B 391 -11.10 27.81 -0.16
C ARG B 391 -9.74 27.55 -0.83
N VAL B 392 -9.59 28.00 -2.07
CA VAL B 392 -8.37 27.86 -2.84
C VAL B 392 -7.57 29.18 -2.87
N GLY B 393 -8.24 30.32 -2.91
CA GLY B 393 -7.53 31.60 -2.78
C GLY B 393 -6.89 32.11 -4.06
N HIS B 394 -7.60 31.97 -5.19
CA HIS B 394 -7.07 32.31 -6.51
C HIS B 394 -6.45 33.70 -6.58
N GLY B 395 -5.21 33.77 -7.06
CA GLY B 395 -4.54 35.05 -7.32
C GLY B 395 -4.56 36.02 -6.16
N ASP B 396 -4.47 35.51 -4.94
CA ASP B 396 -4.62 36.30 -3.71
C ASP B 396 -3.41 35.97 -2.83
N LYS B 397 -2.72 37.00 -2.33
CA LYS B 397 -1.44 36.79 -1.66
C LYS B 397 -1.51 36.51 -0.16
N ASN B 398 -2.72 36.54 0.43
CA ASN B 398 -2.92 36.23 1.87
C ASN B 398 -2.81 34.72 2.09
N HIS B 399 -1.57 34.22 2.10
CA HIS B 399 -1.34 32.78 2.13
C HIS B 399 -1.83 32.17 3.45
N ALA B 400 -1.76 32.93 4.52
CA ALA B 400 -2.21 32.46 5.85
C ALA B 400 -3.75 32.48 6.12
N ASP B 401 -4.52 32.93 5.14
CA ASP B 401 -5.99 32.96 5.25
C ASP B 401 -6.56 31.65 5.88
N ALA B 402 -7.32 31.78 6.96
CA ALA B 402 -7.96 30.67 7.68
C ALA B 402 -9.17 30.08 6.96
N ASP B 403 -9.55 30.72 5.87
CA ASP B 403 -10.71 30.29 5.13
C ASP B 403 -10.28 29.39 3.95
N ARG B 404 -8.96 29.25 3.70
CA ARG B 404 -8.45 28.24 2.73
C ARG B 404 -8.47 26.87 3.33
N SER B 405 -8.93 25.90 2.55
CA SER B 405 -8.91 24.50 2.93
C SER B 405 -9.08 23.56 1.69
N PRO B 406 -8.37 22.42 1.69
CA PRO B 406 -8.38 21.50 0.56
C PRO B 406 -9.60 20.60 0.49
N VAL B 407 -10.76 21.10 0.86
CA VAL B 407 -11.99 20.29 0.85
C VAL B 407 -12.26 19.57 -0.51
N PHE B 408 -12.09 20.28 -1.62
CA PHE B 408 -12.28 19.69 -2.96
C PHE B 408 -11.17 18.71 -3.34
N LEU B 409 -9.93 19.04 -2.98
CA LEU B 409 -8.80 18.10 -3.19
C LEU B 409 -9.06 16.81 -2.40
N GLN B 410 -9.57 16.96 -1.17
CA GLN B 410 -9.97 15.78 -0.36
C GLN B 410 -11.03 14.88 -1.06
N PHE B 411 -12.01 15.52 -1.69
CA PHE B 411 -12.99 14.82 -2.52
C PHE B 411 -12.37 14.03 -3.65
N ILE B 412 -11.43 14.63 -4.37
CA ILE B 412 -10.79 13.97 -5.51
C ILE B 412 -9.90 12.82 -5.06
N ASP B 413 -9.16 12.99 -3.96
CA ASP B 413 -8.48 11.85 -3.33
C ASP B 413 -9.50 10.71 -3.05
N CYS B 414 -10.60 10.98 -2.35
CA CYS B 414 -11.59 9.94 -2.11
C CYS B 414 -12.07 9.23 -3.37
N VAL B 415 -12.15 9.95 -4.50
CA VAL B 415 -12.59 9.36 -5.78
C VAL B 415 -11.50 8.48 -6.32
N TRP B 416 -10.25 8.96 -6.30
CA TRP B 416 -9.10 8.13 -6.67
C TRP B 416 -9.12 6.81 -5.91
N GLN B 417 -9.26 6.88 -4.59
CA GLN B 417 -9.41 5.64 -3.78
C GLN B 417 -10.40 4.68 -4.42
N MET B 418 -11.59 5.17 -4.75
CA MET B 418 -12.61 4.35 -5.38
C MET B 418 -12.15 3.76 -6.72
N THR B 419 -11.36 4.48 -7.52
CA THR B 419 -10.88 3.94 -8.80
C THR B 419 -9.92 2.80 -8.56
N ARG B 420 -9.10 2.91 -7.52
CA ARG B 420 -8.14 1.84 -7.19
C ARG B 420 -8.88 0.58 -6.74
N GLN B 421 -9.89 0.73 -5.90
CA GLN B 421 -10.66 -0.43 -5.46
C GLN B 421 -11.61 -0.98 -6.52
N PHE B 422 -11.86 -0.25 -7.61
CA PHE B 422 -12.74 -0.73 -8.66
C PHE B 422 -12.21 -0.26 -10.00
N PRO B 423 -11.09 -0.86 -10.48
CA PRO B 423 -10.39 -0.31 -11.65
C PRO B 423 -11.12 -0.40 -12.97
N THR B 424 -12.25 -1.11 -13.02
CA THR B 424 -13.09 -1.18 -14.21
C THR B 424 -14.35 -0.34 -14.12
N ALA B 425 -14.57 0.37 -13.01
CA ALA B 425 -15.89 0.99 -12.76
C ALA B 425 -16.04 2.41 -13.27
N PHE B 426 -14.91 3.12 -13.43
CA PHE B 426 -14.92 4.52 -13.86
C PHE B 426 -14.38 4.64 -15.28
N GLU B 427 -15.14 5.34 -16.13
CA GLU B 427 -14.67 5.72 -17.48
C GLU B 427 -13.42 6.60 -17.48
N PHE B 428 -13.24 7.38 -16.42
CA PHE B 428 -12.03 8.18 -16.30
C PHE B 428 -10.88 7.43 -15.62
N ASN B 429 -9.69 7.95 -15.84
CA ASN B 429 -8.43 7.43 -15.28
C ASN B 429 -7.75 8.37 -14.29
N GLU B 430 -6.63 7.94 -13.72
CA GLU B 430 -5.91 8.74 -12.74
C GLU B 430 -5.48 10.10 -13.29
N TYR B 431 -5.13 10.16 -14.56
CA TYR B 431 -4.60 11.39 -15.16
C TYR B 431 -5.67 12.50 -15.25
N PHE B 432 -6.91 12.09 -15.39
CA PHE B 432 -8.06 12.98 -15.42
C PHE B 432 -8.18 13.68 -14.05
N LEU B 433 -8.13 12.89 -12.99
CA LEU B 433 -8.17 13.40 -11.61
C LEU B 433 -7.04 14.37 -11.31
N ILE B 434 -5.82 14.03 -11.72
CA ILE B 434 -4.68 14.94 -11.57
C ILE B 434 -4.88 16.22 -12.38
N THR B 435 -5.41 16.08 -13.59
CA THR B 435 -5.62 17.21 -14.46
C THR B 435 -6.66 18.17 -13.84
N ILE B 436 -7.77 17.65 -13.33
CA ILE B 436 -8.72 18.42 -12.53
C ILE B 436 -8.03 19.22 -11.39
N LEU B 437 -7.12 18.58 -10.66
CA LEU B 437 -6.43 19.25 -9.56
C LEU B 437 -5.36 20.23 -10.04
N ASP B 438 -4.78 20.00 -11.23
CA ASP B 438 -3.93 21.02 -11.85
C ASP B 438 -4.76 22.28 -12.16
N HIS B 439 -5.96 22.11 -12.70
CA HIS B 439 -6.76 23.26 -13.15
C HIS B 439 -7.59 23.89 -12.03
N LEU B 440 -7.70 23.20 -10.90
CA LEU B 440 -8.21 23.79 -9.66
C LEU B 440 -7.38 24.98 -9.22
N TYR B 441 -6.07 24.96 -9.45
CA TYR B 441 -5.21 26.09 -9.11
C TYR B 441 -4.87 27.00 -10.29
N SER B 442 -4.89 26.46 -11.52
CA SER B 442 -4.29 27.17 -12.64
C SER B 442 -4.95 28.51 -12.98
N CYS B 443 -6.26 28.61 -12.70
CA CYS B 443 -7.09 29.72 -13.14
C CYS B 443 -7.14 29.95 -14.67
N LEU B 444 -6.81 28.91 -15.46
CA LEU B 444 -6.87 28.98 -16.93
C LEU B 444 -8.33 29.05 -17.35
N PHE B 445 -9.13 28.21 -16.70
CA PHE B 445 -10.50 28.02 -17.01
C PHE B 445 -11.33 28.76 -15.97
N GLY B 446 -12.57 29.06 -16.30
CA GLY B 446 -13.44 29.75 -15.35
C GLY B 446 -14.12 28.80 -14.38
N THR B 447 -13.98 27.50 -14.61
CA THR B 447 -14.76 26.52 -13.90
C THR B 447 -14.78 26.64 -12.36
N PHE B 448 -13.63 26.91 -11.75
CA PHE B 448 -13.50 26.91 -10.28
C PHE B 448 -13.29 28.30 -9.65
N LEU B 449 -13.79 29.32 -10.33
CA LEU B 449 -13.73 30.69 -9.83
C LEU B 449 -15.05 30.99 -9.19
N CYS B 450 -15.02 32.00 -8.30
CA CYS B 450 -16.19 32.52 -7.57
C CYS B 450 -16.67 31.58 -6.46
N ASN B 451 -17.58 32.08 -5.62
CA ASN B 451 -18.06 31.33 -4.48
C ASN B 451 -19.53 30.89 -4.57
N SER B 452 -20.24 31.28 -5.64
CA SER B 452 -21.66 30.90 -5.81
C SER B 452 -22.12 31.03 -7.23
N GLU B 453 -23.25 30.39 -7.54
CA GLU B 453 -23.84 30.46 -8.89
C GLU B 453 -24.21 31.91 -9.16
N GLN B 454 -24.71 32.62 -8.16
CA GLN B 454 -25.04 34.04 -8.29
C GLN B 454 -23.83 34.92 -8.65
N GLN B 455 -22.70 34.73 -7.99
CA GLN B 455 -21.49 35.45 -8.37
C GLN B 455 -21.06 35.05 -9.76
N ARG B 456 -21.13 33.75 -10.07
CA ARG B 456 -20.77 33.27 -11.40
C ARG B 456 -21.66 33.95 -12.45
N GLY B 457 -22.95 34.16 -12.12
CA GLY B 457 -23.90 34.92 -12.95
C GLY B 457 -23.53 36.38 -13.15
N LYS B 458 -23.23 37.09 -12.06
CA LYS B 458 -22.83 38.51 -12.12
C LYS B 458 -21.56 38.72 -12.92
N GLU B 459 -20.54 37.94 -12.65
CA GLU B 459 -19.30 38.06 -13.41
C GLU B 459 -19.43 37.53 -14.85
N ASN B 460 -20.53 36.82 -15.13
CA ASN B 460 -20.89 36.30 -16.48
C ASN B 460 -19.82 35.36 -17.08
N LEU B 461 -19.45 34.38 -16.26
CA LEU B 461 -18.39 33.43 -16.58
C LEU B 461 -18.60 32.63 -17.86
N PRO B 462 -19.84 32.15 -18.11
CA PRO B 462 -20.04 31.41 -19.35
C PRO B 462 -19.73 32.18 -20.64
N LYS B 463 -19.92 33.50 -20.65
CA LYS B 463 -19.61 34.30 -21.85
C LYS B 463 -18.17 34.83 -21.84
N ARG B 464 -17.52 34.83 -20.68
CA ARG B 464 -16.22 35.47 -20.52
C ARG B 464 -15.01 34.55 -20.32
N THR B 465 -15.26 33.25 -20.07
CA THR B 465 -14.23 32.23 -19.85
C THR B 465 -14.55 30.91 -20.51
N VAL B 466 -13.49 30.12 -20.73
CA VAL B 466 -13.59 28.73 -21.23
C VAL B 466 -13.83 27.77 -20.07
N SER B 467 -14.70 26.79 -20.30
CA SER B 467 -14.99 25.75 -19.31
C SER B 467 -13.90 24.65 -19.35
N LEU B 468 -13.35 24.27 -18.18
CA LEU B 468 -12.38 23.15 -18.10
C LEU B 468 -12.87 21.90 -18.83
N TRP B 469 -14.14 21.61 -18.66
CA TRP B 469 -14.71 20.42 -19.24
C TRP B 469 -14.87 20.51 -20.79
N SER B 470 -14.74 21.71 -21.38
CA SER B 470 -14.59 21.84 -22.84
C SER B 470 -13.24 21.29 -23.30
N TYR B 471 -12.19 21.57 -22.53
CA TYR B 471 -10.87 21.05 -22.84
C TYR B 471 -10.83 19.56 -22.68
N ILE B 472 -11.25 19.09 -21.51
CA ILE B 472 -11.26 17.65 -21.23
C ILE B 472 -11.90 16.86 -22.39
N ASN B 473 -13.09 17.29 -22.83
CA ASN B 473 -13.82 16.55 -23.87
C ASN B 473 -13.25 16.64 -25.28
N SER B 474 -12.32 17.56 -25.54
CA SER B 474 -11.50 17.55 -26.77
C SER B 474 -10.42 16.50 -26.79
N GLN B 475 -10.25 15.84 -25.65
CA GLN B 475 -9.05 15.13 -25.34
C GLN B 475 -9.37 13.86 -24.52
N LEU B 476 -10.50 13.21 -24.81
CA LEU B 476 -11.04 12.11 -24.01
C LEU B 476 -10.19 10.88 -23.88
N GLU B 477 -9.68 10.39 -24.99
CA GLU B 477 -8.66 9.30 -24.89
C GLU B 477 -7.31 9.49 -24.06
N ASP B 478 -6.94 10.71 -23.62
CA ASP B 478 -5.86 10.90 -22.63
C ASP B 478 -6.43 10.61 -21.23
N PHE B 479 -7.75 10.72 -21.10
CA PHE B 479 -8.46 10.64 -19.84
C PHE B 479 -9.29 9.37 -19.66
N THR B 480 -9.38 8.54 -20.69
CA THR B 480 -10.21 7.35 -20.64
C THR B 480 -9.44 6.22 -19.96
N ASN B 481 -10.19 5.44 -19.19
CA ASN B 481 -9.71 4.20 -18.57
C ASN B 481 -9.97 3.04 -19.56
N PRO B 482 -8.89 2.39 -20.09
CA PRO B 482 -9.07 1.29 -21.08
C PRO B 482 -9.89 0.11 -20.54
N LEU B 483 -9.73 -0.22 -19.27
CA LEU B 483 -10.48 -1.32 -18.65
C LEU B 483 -11.97 -1.01 -18.33
N TYR B 484 -12.48 0.19 -18.65
CA TYR B 484 -13.85 0.56 -18.29
C TYR B 484 -14.88 -0.30 -19.01
N GLY B 485 -16.01 -0.52 -18.33
CA GLY B 485 -17.26 -0.91 -19.01
C GLY B 485 -17.89 -2.22 -18.61
N SER B 486 -17.19 -3.01 -17.78
CA SER B 486 -17.67 -4.30 -17.31
C SER B 486 -17.82 -4.30 -15.79
N TYR B 487 -18.69 -3.41 -15.29
CA TYR B 487 -19.12 -3.40 -13.89
C TYR B 487 -20.63 -3.11 -13.77
N SER B 488 -21.43 -4.06 -14.28
CA SER B 488 -22.91 -3.99 -14.27
C SER B 488 -23.60 -4.48 -12.95
N ASN B 489 -22.81 -4.78 -11.92
CA ASN B 489 -23.27 -4.64 -10.52
C ASN B 489 -23.07 -3.15 -10.18
N HIS B 490 -24.11 -2.35 -10.43
CA HIS B 490 -23.93 -0.92 -10.58
C HIS B 490 -23.67 -0.13 -9.26
N VAL B 491 -23.85 -0.71 -8.09
CA VAL B 491 -23.55 0.03 -6.83
C VAL B 491 -22.19 -0.32 -6.20
N LEU B 492 -21.33 0.68 -6.04
CA LEU B 492 -20.00 0.48 -5.46
C LEU B 492 -20.02 0.62 -3.94
N TYR B 493 -19.32 -0.30 -3.28
CA TYR B 493 -19.15 -0.29 -1.83
C TYR B 493 -17.65 -0.42 -1.56
N PRO B 494 -16.91 0.72 -1.51
CA PRO B 494 -15.50 0.59 -1.20
C PRO B 494 -15.32 0.22 0.28
N VAL B 495 -14.10 -0.16 0.61
CA VAL B 495 -13.81 -0.47 1.97
C VAL B 495 -13.04 0.74 2.51
N ALA B 496 -13.64 1.34 3.54
CA ALA B 496 -13.05 2.45 4.27
C ALA B 496 -12.26 1.88 5.47
N SER B 497 -11.02 1.45 5.20
CA SER B 497 -10.13 0.86 6.20
C SER B 497 -8.73 1.37 5.96
N MET B 498 -7.94 1.51 7.03
CA MET B 498 -6.55 2.01 6.91
C MET B 498 -5.59 1.02 6.24
N ARG B 499 -6.02 -0.23 6.12
CA ARG B 499 -5.31 -1.21 5.28
C ARG B 499 -5.61 -1.05 3.80
N HIS B 500 -6.88 -0.80 3.45
CA HIS B 500 -7.32 -0.70 2.03
C HIS B 500 -7.03 0.63 1.29
N LEU B 501 -7.05 1.74 2.01
CA LEU B 501 -6.80 3.06 1.44
C LEU B 501 -5.31 3.29 1.30
N GLU B 502 -4.89 3.97 0.24
CA GLU B 502 -3.47 4.18 -0.10
C GLU B 502 -3.22 5.69 -0.18
N LEU B 503 -1.97 6.08 0.04
CA LEU B 503 -1.57 7.47 -0.15
C LEU B 503 -1.42 7.67 -1.65
N TRP B 504 -2.10 8.67 -2.18
CA TRP B 504 -2.09 8.95 -3.61
C TRP B 504 -0.72 9.54 -4.00
N VAL B 505 0.25 8.66 -4.08
CA VAL B 505 1.60 8.98 -4.50
C VAL B 505 1.60 9.72 -5.85
N GLY B 506 0.75 9.26 -6.75
CA GLY B 506 0.64 9.83 -8.07
C GLY B 506 0.51 11.33 -8.00
N TYR B 507 -0.31 11.83 -7.07
CA TYR B 507 -0.56 13.28 -6.92
C TYR B 507 0.39 13.97 -5.94
N TYR B 508 0.59 13.42 -4.75
CA TYR B 508 1.32 14.13 -3.68
C TYR B 508 2.83 13.98 -3.74
N ILE B 509 3.32 12.96 -4.44
CA ILE B 509 4.77 12.69 -4.53
C ILE B 509 5.09 12.44 -5.98
N ARG B 510 4.77 13.41 -6.81
CA ARG B 510 4.93 13.24 -8.26
C ARG B 510 6.12 13.95 -8.85
N TRP B 511 6.75 14.82 -8.08
CA TRP B 511 7.77 15.69 -8.61
C TRP B 511 9.14 15.06 -8.62
N ASN B 512 9.26 13.81 -8.15
CA ASN B 512 10.51 13.06 -8.18
C ASN B 512 10.66 12.29 -9.52
N PRO B 513 11.74 12.57 -10.31
CA PRO B 513 12.01 11.76 -11.53
C PRO B 513 12.57 10.34 -11.24
N ARG B 514 13.00 10.09 -10.01
CA ARG B 514 13.28 8.73 -9.49
C ARG B 514 14.44 8.01 -10.20
P PO4 C . 23.98 -16.07 9.80
O1 PO4 C . 23.03 -15.03 9.22
O2 PO4 C . 25.21 -15.36 10.30
O3 PO4 C . 24.36 -16.94 8.65
O4 PO4 C . 23.41 -16.89 10.94
P PO4 D . -19.40 22.71 6.32
O1 PO4 D . -18.74 24.06 6.30
O2 PO4 D . -20.36 22.64 5.16
O3 PO4 D . -18.38 21.62 6.26
O4 PO4 D . -20.15 22.56 7.63
P PO4 E . -17.48 23.22 13.42
O1 PO4 E . -17.95 24.51 12.78
O2 PO4 E . -17.89 22.05 12.54
O3 PO4 E . -15.99 23.26 13.64
O4 PO4 E . -17.99 23.11 14.84
#